data_6DB5
#
_entry.id   6DB5
#
_cell.length_a   78.616
_cell.length_b   67.361
_cell.length_c   103.038
_cell.angle_alpha   90.00
_cell.angle_beta   100.25
_cell.angle_gamma   90.00
#
_symmetry.space_group_name_H-M   'P 1 21 1'
#
loop_
_entity.id
_entity.type
_entity.pdbx_description
1 polymer 'Human monoclonal anti-HIV-1 gp120 V3 antibody TA6 Fab heavy chain'
2 polymer 'Human monoclonal anti-HIV-1 gp120 V3 antibody TA6 Fab light chain'
3 polymer 'HIV-1 gp120 V3 peptide from NY5 strain'
4 water water
#
loop_
_entity_poly.entity_id
_entity_poly.type
_entity_poly.pdbx_seq_one_letter_code
_entity_poly.pdbx_strand_id
1 'polypeptide(L)'
;QVQLVQSGAEVKKPGASVKVSCKASGYTFTNYAIHWVRQAPGHRLEWMGWINGGDGNTKYSQKLQGRVTITRDTSASTAY
MELSSLRSEDSAVYYCMRAYYYGSRGLVDDALDVWGQGTLVTVSSASTKGPSVFPLAPSSKSTSGGTAALGCLVKDYFPE
PVTVSWNSGALTSGVHTFPAVLQSSGLYSLSSVVTVPSSSLGTQTYICNVNHKPSNTKVDKKVEPKSCDKTH
;
H,I
2 'polypeptide(L)'
;SYELTQPPSVSVSPGQTARITCSGDELPKKYAYWYQEKSGQAPVLIIYEDSKRPSGIPERFSGSSSGTMATLTISGAQVE
DEADYYCFSTDSSGDLWVFGGGTKLTVLGQPKAAPSVTLFPPSSEELQANKATLVCLISDFYPGAVTVAWKADSSPVKAG
VETTTPSKQSNNKYAASSYLSLTPEQWKSHRSYSCQVTHEGSTVEKTVAPTECS
;
L,M
3 'polypeptide(L)' NNTKKGIAIGPGRTLYAREK P,Q
#
# COMPACT_ATOMS: atom_id res chain seq x y z
N GLN A 1 23.90 -8.92 -27.51
CA GLN A 1 22.76 -9.05 -28.41
C GLN A 1 21.46 -9.21 -27.63
N VAL A 2 21.49 -10.09 -26.63
CA VAL A 2 20.32 -10.28 -25.77
C VAL A 2 20.14 -9.03 -24.92
N GLN A 3 18.90 -8.54 -24.85
CA GLN A 3 18.63 -7.27 -24.19
C GLN A 3 17.22 -7.26 -23.63
N LEU A 4 17.05 -6.62 -22.48
CA LEU A 4 15.75 -6.41 -21.85
C LEU A 4 15.61 -4.94 -21.54
N VAL A 5 14.64 -4.29 -22.17
CA VAL A 5 14.40 -2.86 -22.00
C VAL A 5 13.06 -2.67 -21.30
N GLN A 6 13.07 -1.96 -20.17
CA GLN A 6 11.87 -1.72 -19.39
C GLN A 6 11.32 -0.32 -19.69
N SER A 7 10.09 -0.10 -19.25
CA SER A 7 9.45 1.20 -19.39
C SER A 7 10.03 2.19 -18.39
N GLY A 8 9.71 3.46 -18.58
CA GLY A 8 10.26 4.51 -17.74
C GLY A 8 9.65 4.53 -16.36
N ALA A 9 10.22 5.39 -15.52
CA ALA A 9 9.74 5.55 -14.15
C ALA A 9 8.37 6.21 -14.14
N GLU A 10 7.60 5.92 -13.09
CA GLU A 10 6.24 6.42 -12.97
C GLU A 10 5.96 6.87 -11.54
N VAL A 11 4.88 7.63 -11.38
CA VAL A 11 4.38 8.04 -10.08
C VAL A 11 2.94 7.56 -9.96
N LYS A 12 2.58 7.09 -8.76
CA LYS A 12 1.23 6.63 -8.50
C LYS A 12 0.80 7.11 -7.12
N LYS A 13 -0.51 7.18 -6.92
CA LYS A 13 -1.05 7.50 -5.61
C LYS A 13 -1.32 6.23 -4.82
N PRO A 14 -1.35 6.32 -3.49
CA PRO A 14 -1.71 5.14 -2.69
C PRO A 14 -3.09 4.63 -3.05
N GLY A 15 -3.13 3.37 -3.50
CA GLY A 15 -4.37 2.75 -3.95
C GLY A 15 -4.48 2.57 -5.44
N ALA A 16 -3.64 3.24 -6.23
CA ALA A 16 -3.69 3.11 -7.68
C ALA A 16 -2.95 1.84 -8.11
N SER A 17 -2.66 1.72 -9.41
CA SER A 17 -1.96 0.57 -9.95
C SER A 17 -0.89 1.04 -10.93
N VAL A 18 0.22 0.30 -10.96
CA VAL A 18 1.33 0.57 -11.86
C VAL A 18 1.50 -0.63 -12.77
N LYS A 19 1.93 -0.38 -14.00
CA LYS A 19 2.18 -1.44 -14.98
C LYS A 19 3.48 -1.15 -15.70
N VAL A 20 4.46 -2.02 -15.52
CA VAL A 20 5.77 -1.89 -16.14
C VAL A 20 5.92 -2.94 -17.22
N SER A 21 6.51 -2.54 -18.35
CA SER A 21 6.74 -3.44 -19.47
C SER A 21 8.19 -3.92 -19.48
N CYS A 22 8.46 -4.91 -20.32
CA CYS A 22 9.80 -5.51 -20.40
C CYS A 22 9.92 -6.15 -21.79
N LYS A 23 10.49 -5.39 -22.73
CA LYS A 23 10.64 -5.85 -24.10
C LYS A 23 11.92 -6.66 -24.26
N ALA A 24 11.81 -7.84 -24.85
CA ALA A 24 12.94 -8.73 -25.05
C ALA A 24 13.40 -8.71 -26.50
N SER A 25 14.70 -8.94 -26.70
CA SER A 25 15.29 -8.97 -28.02
C SER A 25 16.58 -9.77 -27.97
N GLY A 26 16.90 -10.40 -29.11
CA GLY A 26 18.12 -11.18 -29.24
C GLY A 26 17.96 -12.66 -28.99
N TYR A 27 16.74 -13.14 -28.73
CA TYR A 27 16.51 -14.55 -28.47
C TYR A 27 15.03 -14.85 -28.72
N THR A 28 14.72 -16.14 -28.74
CA THR A 28 13.33 -16.58 -28.91
C THR A 28 12.55 -16.28 -27.63
N PHE A 29 11.63 -15.32 -27.71
CA PHE A 29 10.92 -14.87 -26.52
C PHE A 29 10.06 -15.97 -25.90
N THR A 30 9.55 -16.89 -26.73
CA THR A 30 8.66 -17.94 -26.23
C THR A 30 9.41 -19.11 -25.60
N ASN A 31 10.73 -19.19 -25.77
CA ASN A 31 11.50 -20.29 -25.20
C ASN A 31 11.93 -20.04 -23.76
N TYR A 32 11.99 -18.78 -23.33
CA TYR A 32 12.46 -18.43 -22.00
C TYR A 32 11.31 -17.93 -21.13
N ALA A 33 11.54 -17.95 -19.83
CA ALA A 33 10.68 -17.31 -18.85
C ALA A 33 11.34 -16.02 -18.37
N ILE A 34 10.53 -15.13 -17.80
CA ILE A 34 10.99 -13.81 -17.36
C ILE A 34 10.57 -13.61 -15.91
N HIS A 35 11.56 -13.39 -15.04
CA HIS A 35 11.29 -13.10 -13.64
C HIS A 35 10.90 -11.64 -13.45
N TRP A 36 10.50 -11.32 -12.23
CA TRP A 36 10.26 -9.94 -11.81
C TRP A 36 10.78 -9.78 -10.39
N VAL A 37 11.68 -8.85 -10.17
CA VAL A 37 12.34 -8.66 -8.89
C VAL A 37 12.20 -7.19 -8.48
N ARG A 38 11.72 -6.95 -7.27
CA ARG A 38 11.63 -5.61 -6.70
C ARG A 38 12.61 -5.49 -5.54
N GLN A 39 13.05 -4.27 -5.28
CA GLN A 39 13.99 -4.01 -4.19
C GLN A 39 13.85 -2.56 -3.75
N ALA A 40 13.53 -2.37 -2.48
CA ALA A 40 13.48 -1.03 -1.91
C ALA A 40 14.88 -0.42 -1.94
N PRO A 41 14.98 0.92 -2.00
CA PRO A 41 16.30 1.55 -2.12
C PRO A 41 17.25 1.24 -0.98
N GLY A 42 16.74 0.85 0.19
CA GLY A 42 17.59 0.55 1.31
C GLY A 42 17.35 -0.82 1.92
N HIS A 43 16.66 -1.69 1.17
CA HIS A 43 16.32 -3.01 1.68
C HIS A 43 16.87 -4.11 0.77
N ARG A 44 16.27 -5.29 0.82
CA ARG A 44 16.82 -6.47 0.17
C ARG A 44 16.06 -6.80 -1.10
N LEU A 45 16.63 -7.72 -1.88
CA LEU A 45 15.98 -8.18 -3.10
C LEU A 45 14.76 -9.04 -2.76
N GLU A 46 13.70 -8.88 -3.54
CA GLU A 46 12.46 -9.61 -3.34
C GLU A 46 11.99 -10.19 -4.67
N TRP A 47 11.72 -11.48 -4.68
CA TRP A 47 11.20 -12.16 -5.87
C TRP A 47 9.69 -12.00 -5.94
N MET A 48 9.20 -11.51 -7.09
CA MET A 48 7.78 -11.29 -7.29
C MET A 48 7.13 -12.48 -8.00
N GLY A 49 7.60 -12.80 -9.20
CA GLY A 49 7.04 -13.91 -9.94
C GLY A 49 7.76 -14.08 -11.27
N TRP A 50 7.28 -15.04 -12.04
CA TRP A 50 7.81 -15.27 -13.38
C TRP A 50 6.71 -15.87 -14.24
N ILE A 51 6.88 -15.73 -15.56
CA ILE A 51 5.90 -16.19 -16.54
C ILE A 51 6.64 -16.83 -17.70
N ASN A 52 6.06 -17.89 -18.25
CA ASN A 52 6.62 -18.53 -19.44
C ASN A 52 6.30 -17.69 -20.68
N GLY A 53 7.30 -17.53 -21.55
CA GLY A 53 7.10 -16.81 -22.79
C GLY A 53 6.17 -17.50 -23.76
N GLY A 54 6.02 -18.82 -23.63
CA GLY A 54 5.14 -19.56 -24.52
C GLY A 54 3.86 -20.00 -23.85
N ASP A 55 3.97 -20.67 -22.70
CA ASP A 55 2.79 -21.14 -21.99
C ASP A 55 1.95 -19.99 -21.47
N GLY A 56 2.59 -18.98 -20.88
CA GLY A 56 1.89 -17.90 -20.23
C GLY A 56 1.52 -18.18 -18.78
N ASN A 57 1.83 -19.37 -18.27
CA ASN A 57 1.54 -19.70 -16.89
C ASN A 57 2.38 -18.83 -15.95
N THR A 58 1.79 -18.46 -14.83
CA THR A 58 2.42 -17.56 -13.88
C THR A 58 2.48 -18.21 -12.49
N LYS A 59 3.51 -17.84 -11.73
CA LYS A 59 3.63 -18.24 -10.33
C LYS A 59 4.11 -17.03 -9.56
N TYR A 60 3.23 -16.46 -8.75
CA TYR A 60 3.53 -15.24 -8.01
C TYR A 60 4.02 -15.54 -6.60
N SER A 61 4.67 -14.55 -6.01
CA SER A 61 5.06 -14.66 -4.61
C SER A 61 3.82 -14.66 -3.72
N GLN A 62 3.88 -15.46 -2.65
CA GLN A 62 2.74 -15.56 -1.75
C GLN A 62 2.45 -14.23 -1.07
N LYS A 63 3.46 -13.37 -0.91
CA LYS A 63 3.22 -12.04 -0.37
C LYS A 63 2.41 -11.19 -1.33
N LEU A 64 2.65 -11.35 -2.64
CA LEU A 64 2.02 -10.51 -3.65
C LEU A 64 0.87 -11.19 -4.38
N GLN A 65 0.53 -12.43 -4.02
CA GLN A 65 -0.60 -13.10 -4.66
C GLN A 65 -1.90 -12.36 -4.37
N GLY A 66 -2.63 -12.01 -5.42
CA GLY A 66 -3.86 -11.25 -5.34
C GLY A 66 -3.72 -9.81 -5.79
N ARG A 67 -2.52 -9.26 -5.70
CA ARG A 67 -2.24 -7.89 -6.14
C ARG A 67 -1.48 -7.81 -7.45
N VAL A 68 -0.57 -8.76 -7.71
CA VAL A 68 0.30 -8.70 -8.87
C VAL A 68 -0.27 -9.60 -9.97
N THR A 69 -0.07 -9.18 -11.21
CA THR A 69 -0.51 -9.94 -12.39
C THR A 69 0.55 -9.78 -13.47
N ILE A 70 1.23 -10.87 -13.79
CA ILE A 70 2.27 -10.87 -14.81
C ILE A 70 1.71 -11.44 -16.10
N THR A 71 1.86 -10.72 -17.20
CA THR A 71 1.37 -11.12 -18.50
C THR A 71 2.52 -11.06 -19.51
N ARG A 72 2.21 -11.42 -20.76
CA ARG A 72 3.19 -11.37 -21.83
C ARG A 72 2.46 -11.31 -23.16
N ASP A 73 3.11 -10.66 -24.14
CA ASP A 73 2.60 -10.56 -25.49
C ASP A 73 3.63 -11.19 -26.43
N THR A 74 3.27 -12.33 -27.01
CA THR A 74 4.23 -13.05 -27.86
C THR A 74 4.55 -12.26 -29.12
N SER A 75 3.55 -11.57 -29.69
CA SER A 75 3.78 -10.82 -30.92
C SER A 75 4.69 -9.61 -30.68
N ALA A 76 4.66 -9.05 -29.47
CA ALA A 76 5.50 -7.90 -29.14
C ALA A 76 6.78 -8.30 -28.41
N SER A 77 6.93 -9.57 -28.03
CA SER A 77 8.10 -10.04 -27.28
C SER A 77 8.30 -9.23 -26.01
N THR A 78 7.19 -8.92 -25.34
CA THR A 78 7.19 -8.05 -24.17
C THR A 78 6.36 -8.69 -23.07
N ALA A 79 6.96 -8.84 -21.89
CA ALA A 79 6.25 -9.26 -20.69
C ALA A 79 5.88 -8.03 -19.85
N TYR A 80 4.77 -8.14 -19.13
CA TYR A 80 4.25 -7.03 -18.35
C TYR A 80 4.08 -7.45 -16.90
N MET A 81 4.13 -6.46 -16.01
CA MET A 81 3.89 -6.65 -14.59
C MET A 81 2.99 -5.54 -14.10
N GLU A 82 1.86 -5.91 -13.51
CA GLU A 82 0.91 -4.94 -12.96
C GLU A 82 0.73 -5.21 -11.48
N LEU A 83 0.83 -4.16 -10.66
CA LEU A 83 0.67 -4.25 -9.22
C LEU A 83 -0.38 -3.23 -8.79
N SER A 84 -1.46 -3.70 -8.20
CA SER A 84 -2.57 -2.84 -7.78
C SER A 84 -2.52 -2.64 -6.27
N SER A 85 -3.37 -1.72 -5.80
CA SER A 85 -3.47 -1.37 -4.39
C SER A 85 -2.11 -0.96 -3.83
N LEU A 86 -1.46 -0.01 -4.52
CA LEU A 86 -0.11 0.39 -4.18
C LEU A 86 -0.08 1.10 -2.83
N ARG A 87 0.86 0.71 -1.98
CA ARG A 87 1.08 1.35 -0.68
C ARG A 87 2.53 1.81 -0.60
N SER A 88 2.81 2.61 0.43
CA SER A 88 4.14 3.23 0.57
C SER A 88 5.25 2.19 0.59
N GLU A 89 4.94 0.95 1.01
CA GLU A 89 5.93 -0.12 1.02
C GLU A 89 6.24 -0.64 -0.38
N ASP A 90 5.63 -0.10 -1.43
CA ASP A 90 5.88 -0.53 -2.79
C ASP A 90 6.87 0.37 -3.54
N SER A 91 7.29 1.49 -2.95
CA SER A 91 8.30 2.34 -3.56
C SER A 91 9.61 1.58 -3.68
N ALA A 92 9.94 1.14 -4.89
CA ALA A 92 11.13 0.32 -5.09
C ALA A 92 11.50 0.35 -6.58
N VAL A 93 12.67 -0.20 -6.87
CA VAL A 93 13.12 -0.40 -8.25
C VAL A 93 12.68 -1.78 -8.71
N TYR A 94 11.97 -1.84 -9.83
CA TYR A 94 11.41 -3.07 -10.34
C TYR A 94 12.21 -3.53 -11.55
N TYR A 95 12.73 -4.75 -11.49
CA TYR A 95 13.52 -5.34 -12.56
C TYR A 95 12.77 -6.49 -13.21
N CYS A 96 13.16 -6.78 -14.45
CA CYS A 96 12.77 -8.01 -15.12
C CYS A 96 14.02 -8.76 -15.54
N MET A 97 14.05 -10.06 -15.30
CA MET A 97 15.21 -10.89 -15.52
C MET A 97 14.80 -12.15 -16.27
N ARG A 98 15.54 -12.47 -17.34
CA ARG A 98 15.27 -13.69 -18.09
C ARG A 98 15.72 -14.91 -17.31
N ALA A 99 14.95 -15.99 -17.42
CA ALA A 99 15.30 -17.23 -16.75
C ALA A 99 16.61 -17.78 -17.32
N TYR A 100 17.28 -18.61 -16.51
CA TYR A 100 18.55 -19.16 -16.93
C TYR A 100 18.40 -20.13 -18.10
N TYR A 101 17.36 -20.96 -18.07
CA TYR A 101 17.22 -22.06 -19.00
C TYR A 101 16.06 -21.83 -19.96
N TYR A 102 16.05 -22.61 -21.04
CA TYR A 102 15.01 -22.55 -22.05
C TYR A 102 14.69 -23.95 -22.53
N GLY A 103 13.52 -24.09 -23.15
CA GLY A 103 13.14 -25.36 -23.73
C GLY A 103 12.73 -26.40 -22.70
N SER A 104 12.50 -27.62 -23.21
CA SER A 104 12.07 -28.72 -22.38
C SER A 104 13.21 -29.40 -21.63
N ARG A 105 14.44 -29.28 -22.13
CA ARG A 105 15.59 -29.91 -21.51
C ARG A 105 16.44 -28.94 -20.69
N GLY A 106 16.00 -27.69 -20.56
CA GLY A 106 16.70 -26.72 -19.72
C GLY A 106 18.11 -26.40 -20.16
N LEU A 107 18.28 -26.02 -21.42
CA LEU A 107 19.59 -25.67 -21.94
C LEU A 107 19.85 -24.17 -21.73
N VAL A 108 21.04 -23.73 -22.10
CA VAL A 108 21.41 -22.33 -22.01
C VAL A 108 22.07 -21.91 -23.32
N ASP A 109 21.90 -20.63 -23.67
CA ASP A 109 22.55 -20.08 -24.84
C ASP A 109 23.83 -19.37 -24.44
N ASP A 110 24.19 -18.30 -25.15
CA ASP A 110 25.43 -17.58 -24.89
C ASP A 110 25.31 -16.57 -23.75
N ALA A 111 24.30 -16.69 -22.91
CA ALA A 111 24.13 -15.81 -21.76
C ALA A 111 23.18 -16.47 -20.77
N LEU A 112 23.17 -15.94 -19.54
CA LEU A 112 22.28 -16.45 -18.51
C LEU A 112 22.05 -15.43 -17.40
N ASP A 113 22.72 -14.28 -17.49
CA ASP A 113 22.56 -13.18 -16.54
C ASP A 113 22.11 -11.96 -17.34
N VAL A 114 20.81 -11.88 -17.59
CA VAL A 114 20.20 -10.82 -18.39
C VAL A 114 19.20 -10.10 -17.51
N TRP A 115 19.50 -8.84 -17.18
CA TRP A 115 18.66 -8.00 -16.35
C TRP A 115 18.28 -6.73 -17.10
N GLY A 116 17.05 -6.28 -16.90
CA GLY A 116 16.64 -4.99 -17.40
C GLY A 116 17.29 -3.86 -16.63
N GLN A 117 17.22 -2.66 -17.19
CA GLN A 117 17.83 -1.50 -16.54
C GLN A 117 17.12 -1.09 -15.26
N GLY A 118 15.91 -1.61 -15.02
CA GLY A 118 15.20 -1.30 -13.80
C GLY A 118 14.22 -0.14 -13.93
N THR A 119 13.08 -0.24 -13.28
CA THR A 119 12.06 0.80 -13.28
C THR A 119 11.74 1.17 -11.85
N LEU A 120 12.02 2.43 -11.48
CA LEU A 120 11.74 2.92 -10.14
C LEU A 120 10.36 3.57 -10.12
N VAL A 121 9.42 2.93 -9.45
CA VAL A 121 8.10 3.52 -9.24
C VAL A 121 8.07 4.12 -7.85
N THR A 122 7.31 5.19 -7.69
CA THR A 122 7.22 5.92 -6.43
C THR A 122 5.75 6.21 -6.14
N VAL A 123 5.22 5.58 -5.10
CA VAL A 123 3.84 5.80 -4.68
C VAL A 123 3.81 6.94 -3.68
N SER A 124 3.08 8.00 -4.02
CA SER A 124 3.02 9.20 -3.20
C SER A 124 1.83 10.04 -3.63
N SER A 125 1.37 10.90 -2.73
CA SER A 125 0.29 11.83 -3.01
C SER A 125 0.78 13.24 -3.24
N ALA A 126 2.09 13.48 -3.19
CA ALA A 126 2.63 14.80 -3.40
C ALA A 126 2.54 15.18 -4.89
N SER A 127 2.79 16.46 -5.17
CA SER A 127 2.70 16.97 -6.52
C SER A 127 3.92 16.55 -7.34
N THR A 128 3.67 16.18 -8.60
CA THR A 128 4.74 15.86 -9.53
C THR A 128 5.36 17.15 -10.05
N LYS A 129 6.66 17.34 -9.77
CA LYS A 129 7.37 18.57 -10.13
C LYS A 129 8.39 18.26 -11.22
N GLY A 130 8.41 19.10 -12.25
CA GLY A 130 9.35 18.96 -13.33
C GLY A 130 10.71 19.55 -12.98
N PRO A 131 11.74 19.14 -13.69
CA PRO A 131 13.09 19.63 -13.39
C PRO A 131 13.44 20.90 -14.15
N SER A 132 14.33 21.68 -13.52
CA SER A 132 14.95 22.84 -14.16
C SER A 132 16.43 22.54 -14.37
N VAL A 133 16.93 22.84 -15.56
CA VAL A 133 18.29 22.49 -15.96
C VAL A 133 19.09 23.77 -16.16
N PHE A 134 20.26 23.83 -15.52
CA PHE A 134 21.16 24.95 -15.65
C PHE A 134 22.57 24.45 -15.97
N PRO A 135 23.28 25.12 -16.87
CA PRO A 135 24.62 24.63 -17.24
C PRO A 135 25.68 25.02 -16.22
N LEU A 136 26.63 24.12 -16.02
CA LEU A 136 27.79 24.38 -15.17
C LEU A 136 28.99 24.65 -16.07
N ALA A 137 29.39 25.92 -16.15
CA ALA A 137 30.49 26.31 -17.02
C ALA A 137 31.76 25.53 -16.69
N PRO A 138 32.56 25.19 -17.69
CA PRO A 138 33.76 24.39 -17.43
C PRO A 138 34.78 25.14 -16.57
N SER A 139 35.31 24.43 -15.59
CA SER A 139 36.32 24.95 -14.69
C SER A 139 37.56 24.06 -14.72
N SER A 140 38.72 24.66 -14.41
CA SER A 140 39.98 23.94 -14.44
C SER A 140 40.67 23.90 -13.08
N LYS A 141 40.02 24.40 -12.03
CA LYS A 141 40.65 24.41 -10.72
C LYS A 141 40.83 22.99 -10.18
N SER A 142 39.86 22.11 -10.43
CA SER A 142 40.04 20.68 -10.22
C SER A 142 40.91 20.17 -11.37
N THR A 143 42.17 19.88 -11.08
CA THR A 143 43.20 19.80 -12.11
C THR A 143 43.14 18.56 -12.99
N SER A 144 44.15 17.70 -12.86
CA SER A 144 44.53 16.76 -13.91
C SER A 144 44.91 17.54 -15.16
N GLY A 145 46.20 17.56 -15.49
CA GLY A 145 46.73 18.41 -16.54
C GLY A 145 45.96 18.39 -17.85
N GLY A 146 45.56 19.58 -18.31
CA GLY A 146 44.83 19.69 -19.55
C GLY A 146 43.43 19.14 -19.51
N THR A 147 42.73 19.28 -18.38
CA THR A 147 41.39 18.76 -18.23
C THR A 147 40.51 19.79 -17.54
N ALA A 148 39.31 19.97 -18.07
CA ALA A 148 38.32 20.88 -17.49
C ALA A 148 37.09 20.08 -17.08
N ALA A 149 36.36 20.60 -16.09
CA ALA A 149 35.18 19.95 -15.56
C ALA A 149 33.96 20.81 -15.85
N LEU A 150 33.04 20.27 -16.65
CA LEU A 150 31.78 20.95 -16.97
C LEU A 150 30.62 19.99 -16.72
N GLY A 151 29.45 20.55 -16.51
CA GLY A 151 28.29 19.74 -16.23
C GLY A 151 26.99 20.50 -16.31
N CYS A 152 25.95 19.88 -15.74
CA CYS A 152 24.62 20.46 -15.72
C CYS A 152 24.02 20.30 -14.33
N LEU A 153 23.14 21.23 -13.97
CA LEU A 153 22.48 21.25 -12.67
C LEU A 153 20.99 21.03 -12.85
N VAL A 154 20.48 19.94 -12.31
CA VAL A 154 19.06 19.60 -12.38
C VAL A 154 18.44 19.97 -11.04
N LYS A 155 17.61 21.02 -11.03
CA LYS A 155 17.11 21.60 -9.80
C LYS A 155 15.61 21.33 -9.63
N ASP A 156 15.21 21.06 -8.39
CA ASP A 156 13.82 21.02 -7.97
C ASP A 156 12.95 20.11 -8.84
N TYR A 157 13.05 18.81 -8.64
CA TYR A 157 12.19 17.86 -9.33
C TYR A 157 11.68 16.83 -8.32
N PHE A 158 10.53 16.25 -8.65
CA PHE A 158 9.93 15.23 -7.80
C PHE A 158 8.97 14.37 -8.62
N PRO A 159 9.02 13.04 -8.48
CA PRO A 159 9.99 12.35 -7.61
C PRO A 159 11.24 11.90 -8.37
N GLU A 160 12.03 11.04 -7.75
CA GLU A 160 13.16 10.41 -8.42
C GLU A 160 12.65 9.44 -9.49
N PRO A 161 13.49 9.10 -10.48
CA PRO A 161 14.85 9.58 -10.72
C PRO A 161 14.97 10.52 -11.92
N VAL A 162 16.17 11.05 -12.12
CA VAL A 162 16.52 11.84 -13.30
C VAL A 162 17.79 11.25 -13.89
N THR A 163 17.69 10.76 -15.13
CA THR A 163 18.83 10.21 -15.84
C THR A 163 19.42 11.29 -16.75
N VAL A 164 20.74 11.44 -16.69
CA VAL A 164 21.44 12.47 -17.45
C VAL A 164 22.38 11.80 -18.43
N SER A 165 22.18 12.06 -19.71
CA SER A 165 23.09 11.62 -20.76
C SER A 165 23.97 12.78 -21.21
N TRP A 166 24.92 12.48 -22.08
CA TRP A 166 25.84 13.49 -22.59
C TRP A 166 26.08 13.25 -24.07
N ASN A 167 25.76 14.24 -24.89
CA ASN A 167 25.91 14.15 -26.36
C ASN A 167 25.21 12.91 -26.90
N SER A 168 23.99 12.67 -26.40
CA SER A 168 23.14 11.55 -26.84
C SER A 168 23.80 10.20 -26.58
N GLY A 169 24.70 10.13 -25.60
CA GLY A 169 25.38 8.90 -25.27
C GLY A 169 26.75 8.72 -25.88
N ALA A 170 27.20 9.66 -26.71
CA ALA A 170 28.52 9.56 -27.32
C ALA A 170 29.64 9.92 -26.36
N LEU A 171 29.34 10.50 -25.20
CA LEU A 171 30.33 10.91 -24.22
C LEU A 171 30.05 10.15 -22.93
N THR A 172 30.96 9.24 -22.57
CA THR A 172 30.78 8.44 -21.36
C THR A 172 32.02 8.52 -20.46
N SER A 173 33.20 8.69 -21.06
CA SER A 173 34.44 8.74 -20.30
C SER A 173 34.48 10.00 -19.46
N GLY A 174 34.56 9.84 -18.14
CA GLY A 174 34.63 10.97 -17.23
C GLY A 174 33.30 11.51 -16.76
N VAL A 175 32.20 10.85 -17.09
CA VAL A 175 30.87 11.32 -16.69
C VAL A 175 30.60 10.87 -15.26
N HIS A 176 30.37 11.82 -14.36
CA HIS A 176 30.10 11.53 -12.95
C HIS A 176 28.75 12.15 -12.61
N THR A 177 27.75 11.31 -12.36
CA THR A 177 26.42 11.75 -11.98
C THR A 177 26.25 11.52 -10.47
N PHE A 178 26.18 12.61 -9.72
CA PHE A 178 26.05 12.53 -8.27
C PHE A 178 24.60 12.23 -7.88
N PRO A 179 24.40 11.51 -6.77
CA PRO A 179 23.03 11.33 -6.26
C PRO A 179 22.44 12.65 -5.81
N ALA A 180 21.11 12.74 -5.91
CA ALA A 180 20.43 13.99 -5.65
C ALA A 180 20.25 14.24 -4.15
N VAL A 181 20.14 15.51 -3.79
CA VAL A 181 19.83 15.91 -2.42
C VAL A 181 18.32 15.90 -2.22
N LEU A 182 17.91 15.78 -0.97
CA LEU A 182 16.50 15.92 -0.59
C LEU A 182 16.36 17.24 0.16
N GLN A 183 15.94 18.28 -0.54
CA GLN A 183 15.79 19.59 0.05
C GLN A 183 14.65 19.59 1.06
N SER A 184 14.62 20.63 1.91
CA SER A 184 13.55 20.76 2.89
C SER A 184 12.21 21.04 2.23
N SER A 185 12.20 21.51 0.99
CA SER A 185 10.96 21.74 0.26
C SER A 185 10.32 20.44 -0.24
N GLY A 186 11.01 19.31 -0.13
CA GLY A 186 10.51 18.04 -0.61
C GLY A 186 10.93 17.68 -2.01
N LEU A 187 11.65 18.56 -2.71
CA LEU A 187 12.09 18.32 -4.08
C LEU A 187 13.54 17.87 -4.09
N TYR A 188 13.96 17.32 -5.23
CA TYR A 188 15.29 16.79 -5.41
C TYR A 188 16.12 17.66 -6.34
N SER A 189 17.44 17.54 -6.20
CA SER A 189 18.37 18.28 -7.05
C SER A 189 19.69 17.52 -7.12
N LEU A 190 20.15 17.23 -8.33
CA LEU A 190 21.42 16.54 -8.53
C LEU A 190 22.26 17.36 -9.51
N SER A 191 23.49 16.87 -9.74
CA SER A 191 24.39 17.45 -10.72
C SER A 191 25.13 16.32 -11.43
N SER A 192 25.33 16.48 -12.73
CA SER A 192 26.10 15.54 -13.53
C SER A 192 27.25 16.29 -14.18
N VAL A 193 28.47 15.86 -13.91
CA VAL A 193 29.68 16.56 -14.36
C VAL A 193 30.55 15.59 -15.16
N VAL A 194 31.12 16.09 -16.25
CA VAL A 194 32.03 15.34 -17.09
C VAL A 194 33.35 16.10 -17.18
N THR A 195 34.45 15.37 -17.17
CA THR A 195 35.78 15.94 -17.35
C THR A 195 36.25 15.72 -18.78
N VAL A 196 36.67 16.79 -19.43
CA VAL A 196 37.03 16.75 -20.85
C VAL A 196 38.39 17.41 -21.03
N PRO A 197 39.09 17.10 -22.11
CA PRO A 197 40.34 17.81 -22.40
C PRO A 197 40.12 19.30 -22.58
N SER A 198 41.11 20.09 -22.14
CA SER A 198 40.99 21.54 -22.23
C SER A 198 41.07 22.03 -23.68
N SER A 199 41.75 21.26 -24.55
CA SER A 199 41.84 21.65 -25.96
C SER A 199 40.51 21.56 -26.66
N SER A 200 39.57 20.76 -26.16
CA SER A 200 38.24 20.66 -26.75
C SER A 200 37.31 21.77 -26.30
N LEU A 201 37.68 22.54 -25.29
CA LEU A 201 36.87 23.66 -24.83
C LEU A 201 36.84 24.74 -25.90
N GLY A 202 35.67 24.95 -26.51
CA GLY A 202 35.52 25.91 -27.58
C GLY A 202 35.52 25.31 -28.96
N THR A 203 35.83 24.02 -29.09
CA THR A 203 35.78 23.32 -30.37
C THR A 203 34.82 22.15 -30.38
N GLN A 204 34.67 21.44 -29.27
CA GLN A 204 33.78 20.30 -29.16
C GLN A 204 32.46 20.72 -28.53
N THR A 205 31.35 20.22 -29.08
CA THR A 205 30.03 20.55 -28.56
C THR A 205 29.68 19.62 -27.39
N TYR A 206 29.20 20.21 -26.31
CA TYR A 206 28.81 19.46 -25.12
C TYR A 206 27.37 19.79 -24.76
N ILE A 207 26.50 18.79 -24.81
CA ILE A 207 25.08 18.94 -24.49
C ILE A 207 24.69 17.81 -23.53
N CYS A 208 24.06 18.18 -22.42
CA CYS A 208 23.57 17.20 -21.45
C CYS A 208 22.11 16.90 -21.73
N ASN A 209 21.75 15.63 -21.64
CA ASN A 209 20.40 15.16 -21.95
C ASN A 209 19.71 14.77 -20.64
N VAL A 210 18.91 15.68 -20.11
CA VAL A 210 18.16 15.44 -18.88
C VAL A 210 16.83 14.82 -19.23
N ASN A 211 16.49 13.71 -18.55
CA ASN A 211 15.25 12.98 -18.80
C ASN A 211 14.60 12.68 -17.46
N HIS A 212 13.45 13.30 -17.21
CA HIS A 212 12.66 13.05 -16.00
C HIS A 212 11.35 12.41 -16.43
N LYS A 213 11.37 11.08 -16.51
CA LYS A 213 10.18 10.33 -16.92
C LYS A 213 8.96 10.56 -16.02
N PRO A 214 9.08 10.66 -14.69
CA PRO A 214 7.88 10.87 -13.85
C PRO A 214 7.04 12.08 -14.24
N SER A 215 7.60 13.05 -14.97
CA SER A 215 6.85 14.23 -15.37
C SER A 215 6.78 14.40 -16.89
N ASN A 216 7.27 13.42 -17.65
CA ASN A 216 7.29 13.49 -19.11
C ASN A 216 8.01 14.74 -19.59
N THR A 217 9.22 14.95 -19.09
CA THR A 217 10.01 16.13 -19.39
C THR A 217 11.39 15.71 -19.87
N LYS A 218 11.86 16.35 -20.95
CA LYS A 218 13.19 16.13 -21.50
C LYS A 218 13.81 17.47 -21.84
N VAL A 219 15.07 17.64 -21.44
CA VAL A 219 15.79 18.89 -21.66
C VAL A 219 17.17 18.57 -22.21
N ASP A 220 17.54 19.24 -23.31
CA ASP A 220 18.88 19.17 -23.87
C ASP A 220 19.51 20.54 -23.72
N LYS A 221 20.49 20.65 -22.81
CA LYS A 221 21.10 21.92 -22.46
C LYS A 221 22.52 21.97 -23.02
N LYS A 222 22.77 22.98 -23.86
CA LYS A 222 24.11 23.19 -24.39
C LYS A 222 25.00 23.80 -23.32
N VAL A 223 26.21 23.26 -23.17
CA VAL A 223 27.15 23.70 -22.15
C VAL A 223 28.33 24.37 -22.85
N GLU A 224 28.38 25.70 -22.80
CA GLU A 224 29.45 26.47 -23.40
C GLU A 224 30.30 27.15 -22.32
N PRO A 225 31.58 27.40 -22.60
CA PRO A 225 32.42 28.11 -21.63
C PRO A 225 31.94 29.54 -21.43
N LYS A 226 32.33 30.10 -20.29
CA LYS A 226 31.93 31.45 -19.93
C LYS A 226 32.54 32.47 -20.88
N SER A 227 31.85 33.60 -21.05
CA SER A 227 32.28 34.67 -21.95
C SER A 227 32.52 35.92 -21.11
N CYS A 228 33.71 35.99 -20.51
CA CYS A 228 34.09 37.14 -19.70
C CYS A 228 34.99 38.10 -20.49
N SER B 1 6.38 -19.02 1.68
CA SER B 1 6.65 -19.49 3.03
C SER B 1 8.08 -20.04 3.15
N TYR B 2 8.66 -20.39 2.01
CA TYR B 2 10.03 -20.89 1.98
C TYR B 2 11.01 -19.73 2.11
N GLU B 3 12.11 -19.97 2.83
CA GLU B 3 13.08 -18.94 3.13
C GLU B 3 14.49 -19.48 3.02
N LEU B 4 15.42 -18.60 2.66
CA LEU B 4 16.84 -18.89 2.66
C LEU B 4 17.53 -17.94 3.64
N THR B 5 18.28 -18.51 4.58
CA THR B 5 18.89 -17.73 5.66
C THR B 5 20.37 -17.50 5.36
N GLN B 6 20.77 -16.24 5.41
CA GLN B 6 22.16 -15.81 5.23
C GLN B 6 22.63 -15.10 6.49
N PRO B 7 23.94 -15.09 6.74
CA PRO B 7 24.48 -14.24 7.79
C PRO B 7 24.25 -12.77 7.46
N PRO B 8 23.92 -11.94 8.44
CA PRO B 8 23.65 -10.53 8.14
C PRO B 8 24.86 -9.78 7.62
N SER B 9 26.05 -10.07 8.14
CA SER B 9 27.26 -9.36 7.73
C SER B 9 28.47 -10.20 8.09
N VAL B 10 29.48 -10.17 7.22
CA VAL B 10 30.75 -10.83 7.45
C VAL B 10 31.87 -9.83 7.20
N SER B 11 32.96 -9.98 7.95
CA SER B 11 34.13 -9.12 7.83
C SER B 11 35.35 -9.96 7.50
N VAL B 12 36.25 -9.39 6.68
CA VAL B 12 37.43 -10.10 6.22
C VAL B 12 38.54 -9.08 5.98
N SER B 13 39.79 -9.59 5.93
CA SER B 13 41.00 -8.83 5.66
C SER B 13 41.47 -9.09 4.23
N PRO B 14 42.18 -8.12 3.62
CA PRO B 14 42.67 -8.32 2.26
C PRO B 14 43.60 -9.52 2.16
N GLY B 15 43.37 -10.36 1.15
CA GLY B 15 44.10 -11.59 0.98
C GLY B 15 43.51 -12.79 1.68
N GLN B 16 42.73 -12.58 2.73
CA GLN B 16 42.09 -13.68 3.44
C GLN B 16 40.93 -14.22 2.63
N THR B 17 40.52 -15.44 2.97
CA THR B 17 39.38 -16.10 2.33
C THR B 17 38.13 -15.89 3.19
N ALA B 18 37.09 -15.34 2.57
CA ALA B 18 35.82 -15.09 3.25
C ALA B 18 34.80 -16.15 2.84
N ARG B 19 34.00 -16.60 3.81
CA ARG B 19 32.98 -17.61 3.59
C ARG B 19 31.61 -17.02 3.90
N ILE B 20 30.72 -17.04 2.92
CA ILE B 20 29.33 -16.59 3.08
C ILE B 20 28.43 -17.78 2.87
N THR B 21 27.62 -18.10 3.87
CA THR B 21 26.78 -19.29 3.85
C THR B 21 25.35 -18.94 3.46
N CYS B 22 24.59 -19.98 3.12
CA CYS B 22 23.17 -19.85 2.81
C CYS B 22 22.49 -21.17 3.14
N SER B 23 21.57 -21.15 4.09
CA SER B 23 20.88 -22.36 4.55
C SER B 23 19.47 -22.41 4.00
N GLY B 24 19.08 -23.58 3.52
CA GLY B 24 17.75 -23.80 2.97
C GLY B 24 17.34 -25.25 3.01
N ASP B 25 16.07 -25.52 3.31
CA ASP B 25 15.63 -26.90 3.49
C ASP B 25 15.57 -27.67 2.18
N GLU B 26 15.37 -26.98 1.06
CA GLU B 26 15.29 -27.63 -0.25
C GLU B 26 16.62 -27.60 -1.00
N LEU B 27 17.65 -26.97 -0.44
CA LEU B 27 18.95 -26.99 -1.07
C LEU B 27 19.53 -28.38 -1.29
N PRO B 28 19.25 -29.41 -0.46
CA PRO B 28 19.72 -30.76 -0.80
C PRO B 28 19.32 -31.24 -2.19
N LYS B 29 18.14 -30.87 -2.68
CA LYS B 29 17.70 -31.29 -4.00
C LYS B 29 17.35 -30.10 -4.90
N LYS B 30 17.89 -28.92 -4.62
CA LYS B 30 17.72 -27.76 -5.46
C LYS B 30 19.04 -27.01 -5.58
N TYR B 31 19.31 -26.47 -6.76
CA TYR B 31 20.54 -25.73 -6.98
C TYR B 31 20.49 -24.38 -6.27
N ALA B 32 21.67 -23.77 -6.12
CA ALA B 32 21.82 -22.47 -5.49
C ALA B 32 22.43 -21.49 -6.48
N TYR B 33 22.07 -20.22 -6.33
CA TYR B 33 22.55 -19.16 -7.21
C TYR B 33 22.93 -17.95 -6.37
N TRP B 34 24.07 -17.35 -6.70
CA TRP B 34 24.63 -16.26 -5.92
C TRP B 34 24.68 -14.99 -6.77
N TYR B 35 24.45 -13.85 -6.12
CA TYR B 35 24.46 -12.55 -6.78
C TYR B 35 25.28 -11.56 -5.97
N GLN B 36 26.06 -10.75 -6.67
CA GLN B 36 26.84 -9.67 -6.07
C GLN B 36 26.23 -8.35 -6.50
N GLU B 37 25.85 -7.52 -5.53
CA GLU B 37 25.23 -6.22 -5.79
C GLU B 37 26.00 -5.16 -5.02
N LYS B 38 26.78 -4.35 -5.74
CA LYS B 38 27.49 -3.24 -5.12
C LYS B 38 26.53 -2.08 -4.87
N SER B 39 27.03 -1.10 -4.11
CA SER B 39 26.22 0.06 -3.72
C SER B 39 25.88 0.88 -4.95
N GLY B 40 24.60 0.89 -5.34
CA GLY B 40 24.14 1.71 -6.44
C GLY B 40 24.10 1.04 -7.79
N GLN B 41 24.35 -0.26 -7.86
CA GLN B 41 24.35 -0.99 -9.11
C GLN B 41 23.38 -2.16 -9.04
N ALA B 42 23.18 -2.83 -10.18
CA ALA B 42 22.31 -3.99 -10.31
C ALA B 42 23.06 -5.26 -9.91
N PRO B 43 22.35 -6.26 -9.41
CA PRO B 43 23.03 -7.51 -9.03
C PRO B 43 23.66 -8.20 -10.23
N VAL B 44 24.72 -8.95 -9.97
CA VAL B 44 25.45 -9.69 -10.99
C VAL B 44 25.54 -11.15 -10.57
N LEU B 45 25.17 -12.05 -11.48
CA LEU B 45 25.27 -13.48 -11.20
C LEU B 45 26.73 -13.90 -11.21
N ILE B 46 27.24 -14.29 -10.05
CA ILE B 46 28.62 -14.74 -9.92
C ILE B 46 28.75 -16.26 -9.80
N ILE B 47 27.73 -16.95 -9.28
CA ILE B 47 27.75 -18.40 -9.12
C ILE B 47 26.37 -18.94 -9.48
N TYR B 48 26.33 -19.93 -10.37
CA TYR B 48 25.09 -20.59 -10.73
C TYR B 48 25.25 -22.10 -10.60
N GLU B 49 24.16 -22.75 -10.18
CA GLU B 49 24.13 -24.20 -9.97
C GLU B 49 25.22 -24.63 -8.99
N ASP B 50 25.10 -24.13 -7.76
CA ASP B 50 25.98 -24.51 -6.65
C ASP B 50 27.44 -24.11 -6.88
N SER B 51 28.08 -24.66 -7.91
CA SER B 51 29.51 -24.53 -8.09
C SER B 51 29.94 -23.89 -9.40
N LYS B 52 29.11 -23.93 -10.44
CA LYS B 52 29.53 -23.44 -11.75
C LYS B 52 29.67 -21.91 -11.72
N ARG B 53 30.64 -21.41 -12.48
CA ARG B 53 30.96 -20.00 -12.53
C ARG B 53 30.75 -19.47 -13.95
N PRO B 54 29.96 -18.43 -14.13
CA PRO B 54 29.73 -17.90 -15.48
C PRO B 54 30.99 -17.26 -16.05
N SER B 55 30.94 -16.99 -17.35
CA SER B 55 32.06 -16.36 -18.03
C SER B 55 32.17 -14.89 -17.64
N GLY B 56 33.39 -14.45 -17.37
CA GLY B 56 33.66 -13.09 -16.95
C GLY B 56 33.77 -12.89 -15.46
N ILE B 57 33.49 -13.92 -14.67
CA ILE B 57 33.58 -13.82 -13.21
C ILE B 57 34.99 -14.22 -12.78
N PRO B 58 35.64 -13.48 -11.89
CA PRO B 58 36.98 -13.85 -11.46
C PRO B 58 37.01 -15.24 -10.84
N GLU B 59 38.15 -15.91 -11.03
CA GLU B 59 38.29 -17.29 -10.58
C GLU B 59 38.33 -17.41 -9.06
N ARG B 60 38.58 -16.32 -8.35
CA ARG B 60 38.62 -16.38 -6.89
C ARG B 60 37.24 -16.59 -6.27
N PHE B 61 36.17 -16.46 -7.04
CA PHE B 61 34.83 -16.73 -6.56
C PHE B 61 34.48 -18.20 -6.82
N SER B 62 33.94 -18.86 -5.79
CA SER B 62 33.55 -20.26 -5.92
C SER B 62 32.47 -20.54 -4.88
N GLY B 63 31.75 -21.62 -5.11
CA GLY B 63 30.66 -22.00 -4.22
C GLY B 63 30.53 -23.50 -4.10
N SER B 64 29.97 -23.95 -2.98
CA SER B 64 29.72 -25.36 -2.74
C SER B 64 28.42 -25.50 -1.96
N SER B 65 27.86 -26.70 -2.00
CA SER B 65 26.60 -26.98 -1.33
C SER B 65 26.62 -28.40 -0.79
N SER B 66 26.21 -28.55 0.47
CA SER B 66 26.15 -29.86 1.12
C SER B 66 25.07 -29.82 2.19
N GLY B 67 24.13 -30.76 2.11
CA GLY B 67 23.03 -30.76 3.05
C GLY B 67 22.13 -29.55 2.84
N THR B 68 21.62 -29.01 3.95
CA THR B 68 20.79 -27.80 3.92
C THR B 68 21.61 -26.53 4.09
N MET B 69 22.78 -26.45 3.46
CA MET B 69 23.67 -25.32 3.67
C MET B 69 24.53 -25.12 2.42
N ALA B 70 24.35 -23.99 1.75
CA ALA B 70 25.20 -23.58 0.66
C ALA B 70 26.20 -22.54 1.14
N THR B 71 27.34 -22.45 0.45
CA THR B 71 28.43 -21.59 0.89
C THR B 71 29.05 -20.88 -0.31
N LEU B 72 29.37 -19.60 -0.12
CA LEU B 72 30.09 -18.81 -1.10
C LEU B 72 31.46 -18.45 -0.53
N THR B 73 32.51 -18.79 -1.27
CA THR B 73 33.89 -18.56 -0.84
C THR B 73 34.56 -17.57 -1.78
N ILE B 74 35.28 -16.61 -1.19
CA ILE B 74 36.02 -15.60 -1.93
C ILE B 74 37.48 -15.71 -1.49
N SER B 75 38.31 -16.32 -2.32
CA SER B 75 39.71 -16.53 -1.98
C SER B 75 40.52 -15.27 -2.28
N GLY B 76 41.09 -14.67 -1.25
CA GLY B 76 41.90 -13.48 -1.42
C GLY B 76 41.11 -12.29 -1.93
N ALA B 77 40.14 -11.84 -1.13
CA ALA B 77 39.30 -10.72 -1.54
C ALA B 77 40.08 -9.41 -1.47
N GLN B 78 39.61 -8.45 -2.25
CA GLN B 78 40.15 -7.09 -2.25
C GLN B 78 39.03 -6.11 -1.93
N VAL B 79 39.33 -4.81 -2.03
CA VAL B 79 38.34 -3.79 -1.75
C VAL B 79 37.21 -3.81 -2.76
N GLU B 80 37.45 -4.31 -3.97
CA GLU B 80 36.41 -4.33 -4.98
C GLU B 80 35.30 -5.33 -4.63
N ASP B 81 35.61 -6.34 -3.82
CA ASP B 81 34.64 -7.35 -3.45
C ASP B 81 33.71 -6.90 -2.32
N GLU B 82 33.91 -5.70 -1.78
CA GLU B 82 33.10 -5.20 -0.67
C GLU B 82 31.73 -4.79 -1.20
N ALA B 83 30.73 -5.64 -0.99
CA ALA B 83 29.38 -5.40 -1.50
C ALA B 83 28.42 -6.31 -0.76
N ASP B 84 27.15 -6.30 -1.19
CA ASP B 84 26.14 -7.19 -0.63
C ASP B 84 26.02 -8.45 -1.50
N TYR B 85 25.80 -9.59 -0.85
CA TYR B 85 25.69 -10.87 -1.54
C TYR B 85 24.40 -11.55 -1.13
N TYR B 86 23.61 -11.97 -2.12
CA TYR B 86 22.29 -12.55 -1.89
C TYR B 86 22.26 -14.00 -2.37
N CYS B 87 21.46 -14.81 -1.67
CA CYS B 87 21.21 -16.18 -2.04
C CYS B 87 19.96 -16.26 -2.92
N PHE B 88 19.83 -17.38 -3.64
CA PHE B 88 18.75 -17.51 -4.62
C PHE B 88 18.53 -18.98 -4.93
N SER B 89 17.32 -19.46 -4.65
CA SER B 89 16.95 -20.85 -4.94
C SER B 89 15.43 -20.93 -5.00
N THR B 90 14.93 -22.15 -5.23
CA THR B 90 13.50 -22.40 -5.37
C THR B 90 12.98 -23.16 -4.15
N ASP B 91 11.68 -23.42 -4.15
CA ASP B 91 11.02 -24.16 -3.08
C ASP B 91 10.99 -25.65 -3.44
N SER B 92 10.10 -26.40 -2.81
CA SER B 92 10.03 -27.85 -3.06
C SER B 92 9.51 -28.14 -4.47
N SER B 93 8.45 -27.46 -4.87
CA SER B 93 7.88 -27.71 -6.20
C SER B 93 8.75 -27.11 -7.29
N GLY B 94 9.49 -26.06 -7.00
CA GLY B 94 10.33 -25.42 -8.00
C GLY B 94 9.63 -24.41 -8.87
N ASP B 95 8.49 -23.89 -8.44
CA ASP B 95 7.76 -22.89 -9.21
C ASP B 95 7.97 -21.47 -8.72
N LEU B 96 8.36 -21.28 -7.47
CA LEU B 96 8.61 -19.97 -6.91
C LEU B 96 10.05 -19.88 -6.42
N TRP B 97 10.68 -18.73 -6.67
CA TRP B 97 12.04 -18.46 -6.22
C TRP B 97 12.02 -17.57 -4.98
N VAL B 98 13.06 -17.68 -4.17
CA VAL B 98 13.20 -16.89 -2.95
C VAL B 98 14.64 -16.41 -2.84
N PHE B 99 14.80 -15.11 -2.56
CA PHE B 99 16.11 -14.55 -2.30
C PHE B 99 16.46 -14.66 -0.82
N GLY B 100 17.76 -14.70 -0.55
CA GLY B 100 18.22 -14.69 0.83
C GLY B 100 18.17 -13.30 1.44
N GLY B 101 18.46 -13.24 2.74
CA GLY B 101 18.42 -11.97 3.45
C GLY B 101 19.47 -10.99 2.98
N GLY B 102 20.61 -11.49 2.52
CA GLY B 102 21.69 -10.63 2.07
C GLY B 102 22.82 -10.53 3.08
N THR B 103 24.04 -10.81 2.62
CA THR B 103 25.23 -10.76 3.47
C THR B 103 26.11 -9.60 3.01
N LYS B 104 26.44 -8.70 3.93
CA LYS B 104 27.28 -7.55 3.64
C LYS B 104 28.73 -7.90 3.95
N LEU B 105 29.56 -7.93 2.91
CA LEU B 105 30.98 -8.19 3.07
C LEU B 105 31.72 -6.86 3.28
N THR B 106 32.63 -6.86 4.25
CA THR B 106 33.41 -5.68 4.59
C THR B 106 34.88 -6.06 4.67
N VAL B 107 35.71 -5.40 3.86
CA VAL B 107 37.15 -5.64 3.87
C VAL B 107 37.79 -4.66 4.86
N LEU B 108 38.69 -5.18 5.68
CA LEU B 108 39.32 -4.39 6.73
C LEU B 108 40.59 -3.71 6.23
N GLY B 109 41.01 -2.68 6.95
CA GLY B 109 42.26 -2.00 6.65
C GLY B 109 42.30 -1.34 5.29
N GLN B 110 41.39 -0.40 5.03
CA GLN B 110 41.40 0.34 3.78
C GLN B 110 42.05 1.70 4.02
N PRO B 111 43.01 2.11 3.20
CA PRO B 111 43.75 3.34 3.48
C PRO B 111 42.87 4.58 3.37
N LYS B 112 43.28 5.63 4.10
CA LYS B 112 42.59 6.91 4.00
C LYS B 112 42.78 7.51 2.62
N ALA B 113 41.81 8.34 2.22
CA ALA B 113 41.85 9.00 0.92
C ALA B 113 41.37 10.43 1.06
N ALA B 114 42.15 11.37 0.52
CA ALA B 114 41.79 12.78 0.63
C ALA B 114 40.76 13.14 -0.44
N PRO B 115 39.77 13.95 -0.11
CA PRO B 115 38.71 14.26 -1.07
C PRO B 115 39.11 15.34 -2.06
N SER B 116 38.54 15.25 -3.25
CA SER B 116 38.64 16.29 -4.26
C SER B 116 37.38 17.15 -4.22
N VAL B 117 37.56 18.47 -4.28
CA VAL B 117 36.46 19.42 -4.14
C VAL B 117 36.37 20.25 -5.41
N THR B 118 35.15 20.39 -5.92
CA THR B 118 34.86 21.24 -7.08
C THR B 118 33.66 22.11 -6.74
N LEU B 119 33.80 23.42 -6.98
CA LEU B 119 32.77 24.39 -6.63
C LEU B 119 32.42 25.22 -7.85
N PHE B 120 31.17 25.13 -8.29
CA PHE B 120 30.69 25.96 -9.39
C PHE B 120 29.90 27.16 -8.87
N PRO B 121 30.14 28.34 -9.42
CA PRO B 121 29.32 29.50 -9.08
C PRO B 121 27.97 29.41 -9.76
N PRO B 122 27.00 30.25 -9.37
CA PRO B 122 25.71 30.23 -10.05
C PRO B 122 25.85 30.62 -11.51
N SER B 123 25.06 29.95 -12.36
CA SER B 123 25.09 30.23 -13.79
C SER B 123 24.36 31.53 -14.10
N SER B 124 24.68 32.11 -15.26
CA SER B 124 24.02 33.33 -15.69
C SER B 124 22.55 33.09 -16.02
N GLU B 125 22.21 31.88 -16.47
CA GLU B 125 20.81 31.56 -16.76
C GLU B 125 19.98 31.52 -15.48
N GLU B 126 20.51 30.93 -14.42
CA GLU B 126 19.76 30.82 -13.17
C GLU B 126 19.55 32.20 -12.54
N LEU B 127 20.56 33.07 -12.64
CA LEU B 127 20.40 34.44 -12.13
C LEU B 127 19.28 35.17 -12.87
N GLN B 128 19.08 34.87 -14.16
CA GLN B 128 17.96 35.45 -14.87
C GLN B 128 16.63 34.86 -14.41
N ALA B 129 16.66 33.64 -13.87
CA ALA B 129 15.47 33.01 -13.32
C ALA B 129 15.22 33.41 -11.86
N ASN B 130 15.84 34.50 -11.41
CA ASN B 130 15.65 35.02 -10.05
C ASN B 130 16.03 33.98 -9.00
N LYS B 131 17.09 33.21 -9.27
CA LYS B 131 17.58 32.20 -8.35
C LYS B 131 19.10 32.17 -8.40
N ALA B 132 19.69 31.49 -7.43
CA ALA B 132 21.15 31.39 -7.34
C ALA B 132 21.49 30.13 -6.56
N THR B 133 22.29 29.25 -7.16
CA THR B 133 22.67 27.99 -6.54
C THR B 133 24.17 27.79 -6.66
N LEU B 134 24.81 27.45 -5.55
CA LEU B 134 26.22 27.09 -5.53
C LEU B 134 26.35 25.61 -5.24
N VAL B 135 27.05 24.89 -6.12
CA VAL B 135 27.18 23.44 -6.03
C VAL B 135 28.62 23.11 -5.65
N CYS B 136 28.79 22.39 -4.54
CA CYS B 136 30.09 22.01 -4.00
C CYS B 136 30.18 20.49 -4.08
N LEU B 137 31.04 19.98 -4.95
CA LEU B 137 31.15 18.56 -5.21
C LEU B 137 32.37 17.98 -4.52
N ILE B 138 32.19 16.84 -3.87
CA ILE B 138 33.25 16.14 -3.14
C ILE B 138 33.33 14.73 -3.68
N SER B 139 34.54 14.28 -3.99
CA SER B 139 34.73 13.00 -4.66
C SER B 139 36.01 12.32 -4.17
N ASP B 140 36.01 10.99 -4.23
CA ASP B 140 37.20 10.17 -4.03
C ASP B 140 37.80 10.37 -2.63
N PHE B 141 37.04 9.96 -1.62
CA PHE B 141 37.52 10.01 -0.24
C PHE B 141 37.04 8.78 0.52
N TYR B 142 37.86 8.36 1.48
CA TYR B 142 37.56 7.26 2.37
C TYR B 142 38.15 7.60 3.73
N PRO B 143 37.46 7.32 4.83
CA PRO B 143 36.15 6.68 4.95
C PRO B 143 34.98 7.54 4.47
N GLY B 144 33.77 7.00 4.54
CA GLY B 144 32.59 7.68 4.02
C GLY B 144 32.00 8.71 4.96
N ALA B 145 32.85 9.53 5.58
CA ALA B 145 32.40 10.60 6.45
C ALA B 145 33.09 11.89 6.05
N VAL B 146 32.33 12.97 6.00
CA VAL B 146 32.85 14.27 5.59
C VAL B 146 32.02 15.36 6.25
N THR B 147 32.68 16.46 6.60
CA THR B 147 32.04 17.59 7.26
C THR B 147 32.08 18.79 6.30
N VAL B 148 30.92 19.15 5.77
CA VAL B 148 30.80 20.27 4.83
C VAL B 148 30.23 21.47 5.56
N ALA B 149 30.82 22.63 5.32
CA ALA B 149 30.37 23.88 5.92
C ALA B 149 30.50 25.00 4.89
N TRP B 150 29.50 25.87 4.86
CA TRP B 150 29.48 27.02 3.96
C TRP B 150 29.73 28.31 4.73
N LYS B 151 30.24 29.30 4.01
CA LYS B 151 30.61 30.58 4.61
C LYS B 151 30.22 31.73 3.69
N ALA B 152 29.56 32.74 4.25
CA ALA B 152 29.32 34.00 3.56
C ALA B 152 30.40 34.99 3.99
N ASP B 153 31.19 35.45 3.02
CA ASP B 153 32.39 36.24 3.31
C ASP B 153 33.31 35.49 4.26
N SER B 154 33.16 35.75 5.56
CA SER B 154 33.93 35.05 6.57
C SER B 154 33.07 34.47 7.70
N SER B 155 31.76 34.69 7.67
CA SER B 155 30.81 34.18 8.65
C SER B 155 30.11 32.94 8.14
N PRO B 156 29.71 32.04 9.03
CA PRO B 156 29.01 30.83 8.58
C PRO B 156 27.64 31.14 8.02
N VAL B 157 27.21 30.33 7.06
CA VAL B 157 25.90 30.50 6.43
C VAL B 157 24.82 30.03 7.38
N LYS B 158 23.77 30.84 7.54
CA LYS B 158 22.72 30.56 8.50
C LYS B 158 21.61 29.67 7.95
N ALA B 159 21.40 29.64 6.64
CA ALA B 159 20.33 28.82 6.07
C ALA B 159 20.58 28.62 4.58
N GLY B 160 19.94 27.59 4.03
CA GLY B 160 19.97 27.33 2.61
C GLY B 160 21.04 26.35 2.17
N VAL B 161 21.28 25.32 2.97
CA VAL B 161 22.31 24.33 2.70
C VAL B 161 21.68 22.94 2.75
N GLU B 162 21.99 22.11 1.74
CA GLU B 162 21.59 20.72 1.72
C GLU B 162 22.78 19.88 1.29
N THR B 163 23.08 18.83 2.06
CA THR B 163 24.22 17.97 1.81
C THR B 163 23.78 16.51 1.77
N THR B 164 24.25 15.78 0.76
CA THR B 164 23.91 14.36 0.63
C THR B 164 24.66 13.52 1.66
N THR B 165 24.08 12.38 1.98
CA THR B 165 24.80 11.37 2.74
C THR B 165 25.84 10.72 1.84
N PRO B 166 27.09 10.62 2.27
CA PRO B 166 28.14 10.04 1.40
C PRO B 166 27.77 8.64 0.93
N SER B 167 27.94 8.41 -0.37
CA SER B 167 27.59 7.15 -0.99
C SER B 167 28.80 6.60 -1.75
N LYS B 168 28.89 5.28 -1.80
CA LYS B 168 30.00 4.62 -2.48
C LYS B 168 29.89 4.79 -3.99
N GLN B 169 31.01 5.09 -4.62
CA GLN B 169 31.09 5.20 -6.06
C GLN B 169 31.69 3.91 -6.64
N SER B 170 32.29 3.99 -7.82
CA SER B 170 32.75 2.78 -8.49
C SER B 170 34.02 2.22 -7.85
N ASN B 171 35.00 3.07 -7.58
CA ASN B 171 36.29 2.61 -7.07
C ASN B 171 36.27 2.44 -5.56
N ASN B 172 35.11 2.11 -5.00
CA ASN B 172 34.94 1.85 -3.57
C ASN B 172 35.34 3.04 -2.71
N LYS B 173 35.34 4.24 -3.27
CA LYS B 173 35.47 5.46 -2.49
C LYS B 173 34.10 6.12 -2.37
N TYR B 174 34.05 7.28 -1.75
CA TYR B 174 32.80 7.96 -1.48
C TYR B 174 32.75 9.32 -2.18
N ALA B 175 31.53 9.79 -2.42
CA ALA B 175 31.29 11.09 -3.02
C ALA B 175 30.06 11.70 -2.38
N ALA B 176 30.04 13.03 -2.33
CA ALA B 176 28.93 13.75 -1.72
C ALA B 176 28.70 15.05 -2.47
N SER B 177 27.50 15.61 -2.29
CA SER B 177 27.12 16.87 -2.90
C SER B 177 26.66 17.83 -1.82
N SER B 178 26.86 19.13 -2.07
CA SER B 178 26.42 20.17 -1.14
C SER B 178 26.00 21.38 -1.95
N TYR B 179 24.77 21.84 -1.75
CA TYR B 179 24.20 22.93 -2.51
C TYR B 179 23.86 24.09 -1.59
N LEU B 180 24.17 25.30 -2.04
CA LEU B 180 23.84 26.54 -1.33
C LEU B 180 22.90 27.36 -2.20
N SER B 181 21.62 27.36 -1.84
CA SER B 181 20.61 28.11 -2.57
C SER B 181 20.56 29.54 -2.03
N LEU B 182 20.72 30.52 -2.91
CA LEU B 182 20.71 31.93 -2.54
C LEU B 182 19.82 32.70 -3.51
N THR B 183 19.63 33.98 -3.20
CA THR B 183 18.95 34.92 -4.08
C THR B 183 19.98 35.72 -4.86
N PRO B 184 19.59 36.29 -6.00
CA PRO B 184 20.54 37.14 -6.74
C PRO B 184 21.06 38.31 -5.91
N GLU B 185 20.25 38.83 -4.98
CA GLU B 185 20.70 39.95 -4.16
C GLU B 185 21.81 39.52 -3.21
N GLN B 186 21.67 38.35 -2.58
CA GLN B 186 22.70 37.88 -1.67
C GLN B 186 23.98 37.54 -2.40
N TRP B 187 23.88 36.94 -3.58
CA TRP B 187 25.07 36.57 -4.33
C TRP B 187 25.81 37.80 -4.85
N LYS B 188 25.06 38.83 -5.26
CA LYS B 188 25.67 40.05 -5.77
C LYS B 188 26.19 40.98 -4.69
N SER B 189 25.81 40.75 -3.43
CA SER B 189 26.19 41.66 -2.35
C SER B 189 27.48 41.23 -1.65
N HIS B 190 27.56 39.99 -1.20
CA HIS B 190 28.73 39.53 -0.48
C HIS B 190 29.95 39.47 -1.41
N ARG B 191 31.13 39.56 -0.80
CA ARG B 191 32.36 39.55 -1.57
C ARG B 191 32.73 38.15 -2.04
N SER B 192 32.41 37.12 -1.25
CA SER B 192 32.80 35.77 -1.60
C SER B 192 31.95 34.77 -0.83
N TYR B 193 31.86 33.56 -1.39
CA TYR B 193 31.25 32.42 -0.71
C TYR B 193 32.20 31.24 -0.81
N SER B 194 32.14 30.36 0.19
CA SER B 194 33.05 29.22 0.24
C SER B 194 32.34 28.02 0.84
N CYS B 195 32.73 26.83 0.40
CA CYS B 195 32.33 25.58 1.04
C CYS B 195 33.57 24.93 1.64
N GLN B 196 33.53 24.69 2.94
CA GLN B 196 34.66 24.13 3.68
C GLN B 196 34.46 22.63 3.85
N VAL B 197 35.39 21.85 3.32
CA VAL B 197 35.33 20.40 3.36
C VAL B 197 36.39 19.91 4.34
N THR B 198 35.96 19.17 5.36
CA THR B 198 36.85 18.63 6.38
C THR B 198 36.76 17.10 6.37
N HIS B 199 37.91 16.44 6.25
CA HIS B 199 37.97 14.98 6.18
C HIS B 199 39.22 14.52 6.92
N GLU B 200 39.02 13.80 8.03
CA GLU B 200 40.11 13.23 8.82
C GLU B 200 41.09 14.32 9.28
N GLY B 201 40.54 15.40 9.83
CA GLY B 201 41.35 16.50 10.31
C GLY B 201 41.75 17.48 9.23
N SER B 202 42.09 16.97 8.05
CA SER B 202 42.46 17.83 6.94
C SER B 202 41.26 18.63 6.45
N THR B 203 41.54 19.80 5.86
CA THR B 203 40.50 20.73 5.47
C THR B 203 40.81 21.31 4.10
N VAL B 204 39.78 21.39 3.25
CA VAL B 204 39.88 22.00 1.93
C VAL B 204 38.78 23.04 1.81
N GLU B 205 39.12 24.24 1.36
CA GLU B 205 38.18 25.34 1.23
C GLU B 205 38.30 25.95 -0.16
N LYS B 206 37.21 25.90 -0.92
CA LYS B 206 37.13 26.51 -2.24
C LYS B 206 36.23 27.74 -2.18
N THR B 207 36.66 28.83 -2.82
CA THR B 207 35.99 30.11 -2.71
C THR B 207 35.63 30.64 -4.09
N VAL B 208 34.42 31.18 -4.22
CA VAL B 208 33.96 31.81 -5.44
C VAL B 208 33.45 33.20 -5.11
N ALA B 209 33.45 34.07 -6.12
CA ALA B 209 33.05 35.46 -5.98
C ALA B 209 32.10 35.84 -7.10
N PRO B 210 31.21 36.82 -6.86
CA PRO B 210 30.26 37.21 -7.90
C PRO B 210 30.95 37.87 -9.09
N THR B 211 30.42 37.60 -10.28
CA THR B 211 30.95 38.15 -11.52
C THR B 211 32.43 37.86 -11.71
N LYS C 4 19.87 -36.46 -7.89
CA LYS C 4 20.37 -35.43 -6.96
C LYS C 4 19.53 -34.17 -7.03
N LYS C 5 20.05 -33.15 -7.71
CA LYS C 5 19.41 -31.85 -7.80
C LYS C 5 18.88 -31.61 -9.22
N GLY C 6 17.75 -30.91 -9.29
CA GLY C 6 17.13 -30.57 -10.54
C GLY C 6 17.12 -29.07 -10.80
N ILE C 7 16.74 -28.71 -12.02
CA ILE C 7 16.72 -27.32 -12.45
C ILE C 7 15.27 -26.88 -12.61
N ALA C 8 15.04 -25.58 -12.39
CA ALA C 8 13.71 -24.98 -12.50
C ALA C 8 13.69 -24.14 -13.78
N ILE C 9 13.10 -24.69 -14.83
CA ILE C 9 13.03 -24.00 -16.12
C ILE C 9 12.00 -22.88 -16.07
N GLY C 10 10.73 -23.25 -15.85
CA GLY C 10 9.66 -22.28 -15.78
C GLY C 10 8.50 -22.79 -14.94
N PRO C 11 7.44 -22.00 -14.84
CA PRO C 11 6.23 -22.47 -14.15
C PRO C 11 5.69 -23.74 -14.80
N GLY C 12 5.63 -24.81 -14.02
CA GLY C 12 5.22 -26.11 -14.52
C GLY C 12 6.30 -26.89 -15.22
N ARG C 13 7.41 -26.25 -15.58
CA ARG C 13 8.51 -26.90 -16.28
C ARG C 13 9.66 -27.07 -15.29
N THR C 14 9.84 -28.30 -14.81
CA THR C 14 10.86 -28.57 -13.79
C THR C 14 11.44 -29.96 -14.03
N LEU C 15 12.71 -30.01 -14.44
CA LEU C 15 13.42 -31.27 -14.56
C LEU C 15 13.89 -31.71 -13.18
N TYR C 16 13.21 -32.70 -12.60
CA TYR C 16 13.50 -33.13 -11.24
C TYR C 16 14.78 -33.97 -11.18
N ALA C 17 14.93 -34.74 -10.12
CA ALA C 17 16.13 -35.56 -9.93
C ALA C 17 16.22 -36.67 -10.98
N GLN D 1 -21.59 -14.68 -16.06
CA GLN D 1 -22.69 -15.48 -16.57
C GLN D 1 -23.61 -15.91 -15.43
N VAL D 2 -23.06 -16.63 -14.46
CA VAL D 2 -23.82 -17.01 -13.28
C VAL D 2 -24.12 -15.76 -12.46
N GLN D 3 -25.41 -15.44 -12.31
CA GLN D 3 -25.82 -14.19 -11.71
C GLN D 3 -27.01 -14.42 -10.78
N LEU D 4 -26.99 -13.74 -9.64
CA LEU D 4 -28.10 -13.73 -8.69
C LEU D 4 -28.47 -12.28 -8.43
N VAL D 5 -29.55 -11.81 -9.06
CA VAL D 5 -30.00 -10.43 -8.96
C VAL D 5 -31.18 -10.38 -8.00
N GLN D 6 -31.07 -9.54 -6.98
CA GLN D 6 -32.11 -9.39 -5.97
C GLN D 6 -32.92 -8.12 -6.24
N SER D 7 -33.99 -7.97 -5.46
CA SER D 7 -34.87 -6.82 -5.58
C SER D 7 -34.29 -5.62 -4.83
N GLY D 8 -34.98 -4.48 -4.91
CA GLY D 8 -34.51 -3.26 -4.32
C GLY D 8 -34.77 -3.19 -2.82
N ALA D 9 -34.25 -2.12 -2.22
CA ALA D 9 -34.41 -1.91 -0.79
C ALA D 9 -35.86 -1.55 -0.45
N GLU D 10 -36.24 -1.84 0.79
CA GLU D 10 -37.60 -1.58 1.25
C GLU D 10 -37.56 -1.16 2.71
N VAL D 11 -38.47 -0.24 3.06
CA VAL D 11 -38.64 0.22 4.44
C VAL D 11 -40.05 -0.14 4.87
N LYS D 12 -40.16 -0.79 6.03
CA LYS D 12 -41.44 -1.28 6.52
C LYS D 12 -41.61 -0.90 7.99
N LYS D 13 -42.87 -0.90 8.44
CA LYS D 13 -43.19 -0.65 9.82
C LYS D 13 -43.08 -1.93 10.65
N PRO D 14 -42.89 -1.82 11.95
CA PRO D 14 -42.87 -3.02 12.80
C PRO D 14 -44.20 -3.76 12.73
N GLY D 15 -44.13 -5.05 12.43
CA GLY D 15 -45.30 -5.88 12.28
C GLY D 15 -45.70 -6.16 10.85
N ALA D 16 -45.04 -5.53 9.87
CA ALA D 16 -45.36 -5.75 8.47
C ALA D 16 -44.65 -6.97 7.93
N SER D 17 -44.43 -7.02 6.62
CA SER D 17 -43.76 -8.16 6.00
C SER D 17 -42.93 -7.67 4.82
N VAL D 18 -41.80 -8.35 4.59
CA VAL D 18 -40.92 -8.08 3.47
C VAL D 18 -40.78 -9.36 2.65
N LYS D 19 -40.95 -9.24 1.33
CA LYS D 19 -40.75 -10.35 0.41
C LYS D 19 -39.71 -9.93 -0.62
N VAL D 20 -38.54 -10.57 -0.56
CA VAL D 20 -37.42 -10.26 -1.44
C VAL D 20 -37.30 -11.37 -2.47
N SER D 21 -36.98 -10.99 -3.71
CA SER D 21 -36.79 -11.93 -4.80
C SER D 21 -35.30 -12.14 -5.06
N CYS D 22 -34.97 -13.31 -5.61
CA CYS D 22 -33.59 -13.67 -5.95
C CYS D 22 -33.63 -14.29 -7.34
N LYS D 23 -33.45 -13.45 -8.37
CA LYS D 23 -33.55 -13.90 -9.75
C LYS D 23 -32.24 -14.56 -10.17
N ALA D 24 -32.32 -15.82 -10.59
CA ALA D 24 -31.15 -16.61 -10.93
C ALA D 24 -30.99 -16.73 -12.44
N SER D 25 -29.74 -16.94 -12.86
CA SER D 25 -29.42 -17.11 -14.28
C SER D 25 -28.02 -17.69 -14.38
N GLY D 26 -27.72 -18.28 -15.54
CA GLY D 26 -26.42 -18.82 -15.82
C GLY D 26 -26.22 -20.27 -15.41
N TYR D 27 -27.26 -20.93 -14.91
CA TYR D 27 -27.15 -22.32 -14.50
C TYR D 27 -28.54 -22.93 -14.44
N THR D 28 -28.59 -24.25 -14.28
CA THR D 28 -29.87 -24.96 -14.15
C THR D 28 -30.46 -24.65 -12.78
N PHE D 29 -31.60 -23.94 -12.77
CA PHE D 29 -32.19 -23.48 -11.51
C PHE D 29 -32.60 -24.66 -10.63
N THR D 30 -33.07 -25.75 -11.24
CA THR D 30 -33.56 -26.89 -10.48
C THR D 30 -32.44 -27.77 -9.95
N ASN D 31 -31.18 -27.52 -10.33
CA ASN D 31 -30.07 -28.33 -9.86
C ASN D 31 -29.44 -27.82 -8.58
N TYR D 32 -29.49 -26.51 -8.33
CA TYR D 32 -28.85 -25.90 -7.18
C TYR D 32 -29.87 -25.50 -6.13
N ALA D 33 -29.38 -25.35 -4.90
CA ALA D 33 -30.14 -24.80 -3.80
C ALA D 33 -29.73 -23.36 -3.56
N ILE D 34 -30.66 -22.56 -3.02
CA ILE D 34 -30.45 -21.14 -2.79
C ILE D 34 -30.53 -20.87 -1.30
N HIS D 35 -29.45 -20.34 -0.74
CA HIS D 35 -29.44 -19.94 0.67
C HIS D 35 -30.06 -18.56 0.83
N TRP D 36 -30.29 -18.20 2.08
CA TRP D 36 -30.74 -16.85 2.43
C TRP D 36 -30.04 -16.43 3.72
N VAL D 37 -29.22 -15.39 3.61
CA VAL D 37 -28.39 -14.92 4.73
C VAL D 37 -28.67 -13.44 4.95
N ARG D 38 -28.80 -13.05 6.22
CA ARG D 38 -28.93 -11.66 6.61
C ARG D 38 -27.81 -11.30 7.57
N GLN D 39 -27.54 -10.00 7.69
CA GLN D 39 -26.47 -9.53 8.56
C GLN D 39 -26.79 -8.10 9.01
N ALA D 40 -26.95 -7.92 10.32
CA ALA D 40 -27.09 -6.59 10.88
C ALA D 40 -25.80 -5.80 10.65
N PRO D 41 -25.86 -4.45 10.72
CA PRO D 41 -24.67 -3.64 10.41
C PRO D 41 -23.42 -4.04 11.18
N GLY D 42 -23.43 -3.83 12.49
CA GLY D 42 -22.27 -4.17 13.30
C GLY D 42 -22.37 -5.54 13.96
N HIS D 43 -22.99 -6.50 13.28
CA HIS D 43 -23.20 -7.81 13.87
C HIS D 43 -22.69 -8.93 12.96
N ARG D 44 -23.02 -10.16 13.30
CA ARG D 44 -22.51 -11.35 12.63
C ARG D 44 -23.41 -11.77 11.48
N LEU D 45 -22.94 -12.75 10.71
CA LEU D 45 -23.74 -13.36 9.66
C LEU D 45 -24.74 -14.33 10.29
N GLU D 46 -25.97 -14.32 9.76
CA GLU D 46 -27.05 -15.14 10.30
C GLU D 46 -27.65 -15.96 9.16
N TRP D 47 -27.62 -17.28 9.32
CA TRP D 47 -28.21 -18.18 8.34
C TRP D 47 -29.70 -18.31 8.59
N MET D 48 -30.50 -18.07 7.55
CA MET D 48 -31.96 -18.11 7.67
C MET D 48 -32.57 -19.40 7.14
N GLY D 49 -32.07 -19.90 6.02
CA GLY D 49 -32.60 -21.12 5.45
C GLY D 49 -32.18 -21.27 4.00
N TRP D 50 -32.54 -22.42 3.43
CA TRP D 50 -32.24 -22.71 2.04
C TRP D 50 -33.35 -23.58 1.47
N ILE D 51 -33.46 -23.56 0.14
CA ILE D 51 -34.51 -24.27 -0.57
C ILE D 51 -33.91 -24.92 -1.81
N ASN D 52 -34.40 -26.11 -2.16
CA ASN D 52 -33.99 -26.78 -3.39
C ASN D 52 -34.69 -26.18 -4.59
N GLY D 53 -33.96 -26.03 -5.69
CA GLY D 53 -34.55 -25.49 -6.90
C GLY D 53 -35.56 -26.42 -7.54
N GLY D 54 -35.42 -27.73 -7.29
CA GLY D 54 -36.33 -28.70 -7.86
C GLY D 54 -37.37 -29.20 -6.88
N ASP D 55 -36.92 -29.68 -5.72
CA ASP D 55 -37.85 -30.23 -4.74
C ASP D 55 -38.76 -29.16 -4.16
N GLY D 56 -38.23 -27.96 -3.95
CA GLY D 56 -38.94 -26.94 -3.21
C GLY D 56 -38.94 -27.15 -1.72
N ASN D 57 -38.24 -28.16 -1.22
CA ASN D 57 -38.15 -28.41 0.21
C ASN D 57 -37.35 -27.31 0.90
N THR D 58 -37.73 -26.99 2.13
CA THR D 58 -37.14 -25.89 2.87
C THR D 58 -36.72 -26.35 4.26
N LYS D 59 -35.64 -25.74 4.76
CA LYS D 59 -35.15 -25.98 6.12
C LYS D 59 -34.77 -24.63 6.71
N TYR D 60 -35.59 -24.13 7.63
CA TYR D 60 -35.38 -22.82 8.22
C TYR D 60 -34.59 -22.93 9.52
N SER D 61 -34.10 -21.78 10.00
CA SER D 61 -33.44 -21.72 11.29
C SER D 61 -34.47 -21.75 12.41
N GLN D 62 -34.01 -22.19 13.58
CA GLN D 62 -34.91 -22.26 14.73
C GLN D 62 -35.28 -20.89 15.27
N LYS D 63 -34.47 -19.86 15.00
CA LYS D 63 -34.79 -18.51 15.47
C LYS D 63 -35.92 -17.90 14.66
N LEU D 64 -35.93 -18.13 13.35
CA LEU D 64 -36.93 -17.56 12.46
C LEU D 64 -38.02 -18.56 12.07
N GLN D 65 -38.03 -19.75 12.67
CA GLN D 65 -39.06 -20.73 12.37
C GLN D 65 -40.43 -20.21 12.81
N GLY D 66 -41.34 -20.08 11.84
CA GLY D 66 -42.64 -19.50 12.06
C GLY D 66 -42.79 -18.08 11.55
N ARG D 67 -41.68 -17.41 11.25
CA ARG D 67 -41.71 -16.06 10.72
C ARG D 67 -41.24 -15.97 9.27
N VAL D 68 -40.31 -16.83 8.86
CA VAL D 68 -39.71 -16.78 7.54
C VAL D 68 -40.35 -17.85 6.66
N THR D 69 -40.50 -17.54 5.38
CA THR D 69 -41.03 -18.48 4.39
C THR D 69 -40.23 -18.33 3.11
N ILE D 70 -39.67 -19.43 2.63
CA ILE D 70 -38.85 -19.44 1.42
C ILE D 70 -39.58 -20.27 0.37
N THR D 71 -39.75 -19.68 -0.82
CA THR D 71 -40.40 -20.34 -1.95
C THR D 71 -39.54 -20.19 -3.19
N ARG D 72 -39.99 -20.76 -4.30
CA ARG D 72 -39.27 -20.66 -5.56
C ARG D 72 -40.24 -20.92 -6.71
N ASP D 73 -39.96 -20.29 -7.85
CA ASP D 73 -40.72 -20.50 -9.07
C ASP D 73 -39.80 -21.08 -10.12
N THR D 74 -40.11 -22.31 -10.56
CA THR D 74 -39.22 -23.00 -11.49
C THR D 74 -39.20 -22.33 -12.86
N SER D 75 -40.37 -21.91 -13.35
CA SER D 75 -40.43 -21.32 -14.68
C SER D 75 -39.75 -19.96 -14.74
N ALA D 76 -39.76 -19.22 -13.64
CA ALA D 76 -39.15 -17.89 -13.61
C ALA D 76 -37.70 -17.91 -13.11
N SER D 77 -37.23 -19.04 -12.59
CA SER D 77 -35.87 -19.17 -12.06
C SER D 77 -35.61 -18.11 -10.97
N THR D 78 -36.50 -18.06 -9.99
CA THR D 78 -36.43 -17.06 -8.93
C THR D 78 -36.85 -17.68 -7.61
N ALA D 79 -36.02 -17.50 -6.59
CA ALA D 79 -36.35 -17.90 -5.23
C ALA D 79 -36.74 -16.68 -4.42
N TYR D 80 -37.72 -16.85 -3.53
CA TYR D 80 -38.27 -15.76 -2.76
C TYR D 80 -38.09 -16.01 -1.27
N MET D 81 -37.93 -14.93 -0.51
CA MET D 81 -37.84 -14.97 0.95
C MET D 81 -38.83 -13.99 1.53
N GLU D 82 -39.65 -14.45 2.46
CA GLU D 82 -40.67 -13.62 3.10
C GLU D 82 -40.53 -13.71 4.60
N LEU D 83 -40.44 -12.55 5.26
CA LEU D 83 -40.31 -12.47 6.72
C LEU D 83 -41.48 -11.65 7.25
N SER D 84 -42.27 -12.25 8.13
CA SER D 84 -43.44 -11.61 8.71
C SER D 84 -43.16 -11.20 10.16
N SER D 85 -44.04 -10.35 10.69
CA SER D 85 -43.93 -9.81 12.04
C SER D 85 -42.56 -9.17 12.27
N LEU D 86 -42.36 -8.07 11.55
CA LEU D 86 -41.07 -7.38 11.53
C LEU D 86 -40.84 -6.61 12.83
N ARG D 87 -39.56 -6.36 13.10
CA ARG D 87 -39.15 -5.61 14.28
C ARG D 87 -37.82 -4.93 13.98
N SER D 88 -37.43 -4.01 14.86
CA SER D 88 -36.21 -3.23 14.63
C SER D 88 -34.98 -4.13 14.58
N GLU D 89 -35.02 -5.28 15.25
CA GLU D 89 -33.89 -6.20 15.22
C GLU D 89 -33.71 -6.88 13.87
N ASP D 90 -34.70 -6.80 12.98
CA ASP D 90 -34.60 -7.39 11.66
C ASP D 90 -33.97 -6.46 10.63
N SER D 91 -33.71 -5.20 10.99
CA SER D 91 -33.07 -4.26 10.09
C SER D 91 -31.68 -4.73 9.73
N ALA D 92 -31.50 -5.23 8.51
CA ALA D 92 -30.24 -5.82 8.10
C ALA D 92 -30.19 -5.85 6.57
N VAL D 93 -29.08 -6.36 6.04
CA VAL D 93 -28.90 -6.56 4.61
C VAL D 93 -29.09 -8.04 4.33
N TYR D 94 -30.03 -8.35 3.43
CA TYR D 94 -30.41 -9.72 3.14
C TYR D 94 -29.78 -10.19 1.83
N TYR D 95 -29.12 -11.34 1.88
CA TYR D 95 -28.45 -11.92 0.72
C TYR D 95 -29.09 -13.25 0.37
N CYS D 96 -28.91 -13.64 -0.89
CA CYS D 96 -29.20 -15.00 -1.34
C CYS D 96 -27.94 -15.57 -1.98
N MET D 97 -27.61 -16.81 -1.62
CA MET D 97 -26.37 -17.45 -2.04
C MET D 97 -26.68 -18.81 -2.62
N ARG D 98 -26.04 -19.12 -3.74
CA ARG D 98 -26.22 -20.42 -4.38
C ARG D 98 -25.46 -21.51 -3.60
N ALA D 99 -26.01 -22.70 -3.61
CA ALA D 99 -25.38 -23.82 -2.92
C ALA D 99 -24.06 -24.19 -3.58
N TYR D 100 -23.20 -24.85 -2.79
CA TYR D 100 -21.90 -25.27 -3.31
C TYR D 100 -22.04 -26.34 -4.38
N TYR D 101 -22.98 -27.27 -4.19
CA TYR D 101 -23.07 -28.46 -5.02
C TYR D 101 -24.44 -28.55 -5.68
N TYR D 102 -24.49 -29.28 -6.79
CA TYR D 102 -25.72 -29.49 -7.55
C TYR D 102 -25.89 -30.98 -7.83
N GLY D 103 -27.07 -31.33 -8.31
CA GLY D 103 -27.36 -32.69 -8.74
C GLY D 103 -27.39 -33.67 -7.57
N SER D 104 -27.57 -34.94 -7.93
CA SER D 104 -27.62 -36.02 -6.95
C SER D 104 -26.24 -36.54 -6.56
N ARG D 105 -25.19 -36.12 -7.24
CA ARG D 105 -23.83 -36.54 -6.93
C ARG D 105 -23.01 -35.46 -6.23
N GLY D 106 -23.60 -34.29 -5.98
CA GLY D 106 -22.87 -33.24 -5.28
C GLY D 106 -21.72 -32.67 -6.07
N LEU D 107 -21.93 -32.45 -7.37
CA LEU D 107 -20.87 -31.92 -8.22
C LEU D 107 -20.80 -30.40 -8.12
N VAL D 108 -19.76 -29.83 -8.72
CA VAL D 108 -19.55 -28.39 -8.74
C VAL D 108 -19.24 -27.95 -10.15
N ASP D 109 -19.63 -26.72 -10.48
CA ASP D 109 -19.32 -26.14 -11.78
C ASP D 109 -18.09 -25.26 -11.67
N ASP D 110 -18.00 -24.22 -12.50
CA ASP D 110 -16.86 -23.31 -12.48
C ASP D 110 -17.04 -22.17 -11.49
N ALA D 111 -17.95 -22.30 -10.53
CA ALA D 111 -18.20 -21.26 -9.55
C ALA D 111 -18.65 -21.90 -8.25
N LEU D 112 -17.98 -21.52 -7.14
CA LEU D 112 -18.33 -22.02 -5.82
C LEU D 112 -18.84 -20.94 -4.89
N ASP D 113 -18.51 -19.68 -5.13
CA ASP D 113 -18.95 -18.56 -4.29
C ASP D 113 -19.80 -17.64 -5.15
N VAL D 114 -21.12 -17.78 -5.05
CA VAL D 114 -22.07 -16.98 -5.80
C VAL D 114 -23.04 -16.34 -4.81
N TRP D 115 -23.03 -15.01 -4.76
CA TRP D 115 -23.90 -14.25 -3.87
C TRP D 115 -24.72 -13.26 -4.67
N GLY D 116 -25.79 -12.78 -4.04
CA GLY D 116 -26.54 -11.65 -4.59
C GLY D 116 -25.96 -10.33 -4.13
N GLN D 117 -26.39 -9.26 -4.81
CA GLN D 117 -25.89 -7.94 -4.46
C GLN D 117 -26.42 -7.44 -3.12
N GLY D 118 -27.37 -8.14 -2.52
CA GLY D 118 -27.91 -7.74 -1.23
C GLY D 118 -29.17 -6.89 -1.36
N THR D 119 -30.02 -6.99 -0.34
CA THR D 119 -31.25 -6.21 -0.26
C THR D 119 -31.35 -5.62 1.12
N LEU D 120 -31.23 -4.29 1.21
CA LEU D 120 -31.30 -3.60 2.48
C LEU D 120 -32.74 -3.50 2.95
N VAL D 121 -33.02 -4.03 4.13
CA VAL D 121 -34.35 -3.97 4.74
C VAL D 121 -34.23 -3.19 6.03
N THR D 122 -35.02 -2.11 6.14
CA THR D 122 -35.01 -1.24 7.31
C THR D 122 -36.40 -1.23 7.94
N VAL D 123 -36.49 -1.77 9.14
CA VAL D 123 -37.74 -1.81 9.89
C VAL D 123 -37.75 -0.64 10.87
N SER D 124 -38.69 0.28 10.69
CA SER D 124 -38.77 1.46 11.54
C SER D 124 -40.19 1.99 11.52
N SER D 125 -40.63 2.50 12.67
CA SER D 125 -41.96 3.08 12.82
C SER D 125 -41.95 4.60 12.65
N ALA D 126 -40.92 5.14 12.01
CA ALA D 126 -40.81 6.57 11.77
C ALA D 126 -41.19 6.90 10.34
N SER D 127 -41.55 8.16 10.12
CA SER D 127 -41.95 8.65 8.81
C SER D 127 -40.78 9.34 8.12
N THR D 128 -40.91 9.53 6.82
CA THR D 128 -39.90 10.22 6.02
C THR D 128 -39.74 11.65 6.51
N LYS D 129 -38.63 11.94 7.18
CA LYS D 129 -38.42 13.21 7.86
C LYS D 129 -37.19 13.90 7.29
N GLY D 130 -37.33 15.20 7.03
CA GLY D 130 -36.24 15.99 6.49
C GLY D 130 -35.31 16.49 7.58
N PRO D 131 -34.01 16.60 7.26
CA PRO D 131 -33.03 16.95 8.28
C PRO D 131 -33.10 18.43 8.66
N SER D 132 -32.64 18.71 9.88
CA SER D 132 -32.47 20.06 10.37
C SER D 132 -30.98 20.35 10.42
N VAL D 133 -30.52 21.26 9.58
CA VAL D 133 -29.10 21.55 9.45
C VAL D 133 -28.73 22.69 10.39
N PHE D 134 -27.63 22.52 11.12
CA PHE D 134 -27.12 23.53 12.04
C PHE D 134 -25.64 23.76 11.80
N PRO D 135 -25.17 25.00 11.91
CA PRO D 135 -23.77 25.29 11.66
C PRO D 135 -22.90 24.99 12.87
N LEU D 136 -21.68 24.53 12.58
CA LEU D 136 -20.65 24.31 13.59
C LEU D 136 -19.62 25.41 13.41
N ALA D 137 -19.90 26.57 13.99
CA ALA D 137 -19.12 27.76 13.72
C ALA D 137 -17.71 27.64 14.32
N PRO D 138 -16.69 28.18 13.65
CA PRO D 138 -15.34 28.16 14.21
C PRO D 138 -15.09 29.28 15.19
N SER D 139 -13.95 29.96 15.06
CA SER D 139 -13.53 31.04 15.98
C SER D 139 -13.55 30.56 17.43
N SER D 140 -13.22 29.29 17.64
CA SER D 140 -13.17 28.70 18.97
C SER D 140 -12.41 27.39 18.91
N LYS D 141 -12.61 26.63 17.84
CA LYS D 141 -11.92 25.36 17.63
C LYS D 141 -10.81 25.51 16.59
N SER D 142 -10.00 26.55 16.75
CA SER D 142 -8.79 26.74 15.93
C SER D 142 -7.59 26.07 16.55
N THR D 143 -7.78 24.92 17.18
CA THR D 143 -6.71 24.20 17.85
C THR D 143 -5.75 23.53 16.89
N SER D 144 -5.90 23.74 15.59
CA SER D 144 -4.98 23.22 14.57
C SER D 144 -4.56 24.41 13.71
N GLY D 145 -3.39 24.97 14.00
CA GLY D 145 -2.92 26.17 13.34
C GLY D 145 -1.99 25.88 12.18
N GLY D 146 -1.94 26.83 11.24
CA GLY D 146 -2.73 28.05 11.34
C GLY D 146 -4.02 27.99 10.53
N THR D 147 -4.88 27.04 10.88
CA THR D 147 -6.14 26.84 10.17
C THR D 147 -7.31 26.88 11.14
N ALA D 148 -8.49 26.52 10.66
CA ALA D 148 -9.69 26.49 11.50
C ALA D 148 -10.62 25.39 11.01
N ALA D 149 -11.45 24.89 11.92
CA ALA D 149 -12.37 23.80 11.63
C ALA D 149 -13.80 24.30 11.76
N LEU D 150 -14.60 24.07 10.73
CA LEU D 150 -16.01 24.42 10.72
C LEU D 150 -16.79 23.33 10.00
N GLY D 151 -18.06 23.19 10.36
CA GLY D 151 -18.84 22.13 9.78
C GLY D 151 -20.33 22.38 9.86
N CYS D 152 -21.09 21.32 9.61
CA CYS D 152 -22.55 21.37 9.62
C CYS D 152 -23.10 20.14 10.32
N LEU D 153 -24.13 20.34 11.14
CA LEU D 153 -24.81 19.27 11.84
C LEU D 153 -26.09 18.91 11.08
N VAL D 154 -26.14 17.70 10.54
CA VAL D 154 -27.32 17.21 9.83
C VAL D 154 -28.11 16.42 10.87
N LYS D 155 -29.06 17.09 11.50
CA LYS D 155 -29.75 16.56 12.68
C LYS D 155 -31.13 16.02 12.31
N ASP D 156 -31.40 14.78 12.73
CA ASP D 156 -32.73 14.17 12.64
C ASP D 156 -33.25 14.10 11.21
N TYR D 157 -33.01 12.98 10.53
CA TYR D 157 -33.57 12.74 9.21
C TYR D 157 -33.88 11.26 9.06
N PHE D 158 -34.82 10.97 8.14
CA PHE D 158 -35.20 9.59 7.84
C PHE D 158 -35.90 9.58 6.50
N PRO D 159 -35.60 8.60 5.62
CA PRO D 159 -34.57 7.60 5.86
C PRO D 159 -33.20 8.04 5.35
N GLU D 160 -32.36 7.08 4.99
CA GLU D 160 -31.04 7.33 4.43
C GLU D 160 -31.08 7.19 2.91
N PRO D 161 -30.11 7.77 2.20
CA PRO D 161 -28.97 8.57 2.68
C PRO D 161 -29.17 10.08 2.54
N VAL D 162 -28.11 10.83 2.86
CA VAL D 162 -28.08 12.28 2.70
C VAL D 162 -26.72 12.67 2.13
N THR D 163 -26.73 13.43 1.04
CA THR D 163 -25.50 13.88 0.39
C THR D 163 -25.10 15.25 0.91
N VAL D 164 -23.83 15.38 1.29
CA VAL D 164 -23.29 16.63 1.81
C VAL D 164 -22.09 17.03 0.96
N SER D 165 -22.04 18.32 0.61
CA SER D 165 -20.91 18.90 -0.10
C SER D 165 -20.67 20.31 0.42
N TRP D 166 -19.60 20.94 -0.06
CA TRP D 166 -19.21 22.26 0.41
C TRP D 166 -18.90 23.16 -0.79
N ASN D 167 -19.52 24.33 -0.80
CA ASN D 167 -19.29 25.36 -1.83
C ASN D 167 -19.56 24.81 -3.23
N SER D 168 -20.67 24.08 -3.34
CA SER D 168 -21.13 23.55 -4.63
C SER D 168 -20.07 22.66 -5.28
N GLY D 169 -19.33 21.93 -4.45
CA GLY D 169 -18.28 21.06 -4.92
C GLY D 169 -16.92 21.72 -5.10
N ALA D 170 -16.78 23.00 -4.77
CA ALA D 170 -15.48 23.64 -4.93
C ALA D 170 -14.55 23.36 -3.75
N LEU D 171 -15.11 23.03 -2.60
CA LEU D 171 -14.34 22.70 -1.40
C LEU D 171 -14.41 21.18 -1.22
N THR D 172 -13.32 20.49 -1.59
CA THR D 172 -13.25 19.05 -1.48
C THR D 172 -12.04 18.56 -0.70
N SER D 173 -11.11 19.43 -0.34
CA SER D 173 -9.93 19.05 0.42
C SER D 173 -10.18 19.19 1.91
N GLY D 174 -9.74 18.19 2.67
CA GLY D 174 -9.92 18.21 4.11
C GLY D 174 -11.35 18.06 4.57
N VAL D 175 -12.20 17.42 3.77
CA VAL D 175 -13.60 17.22 4.11
C VAL D 175 -13.77 15.88 4.80
N HIS D 176 -14.37 15.89 5.99
CA HIS D 176 -14.64 14.68 6.76
C HIS D 176 -16.14 14.58 6.98
N THR D 177 -16.80 13.70 6.22
CA THR D 177 -18.23 13.43 6.38
C THR D 177 -18.38 12.08 7.06
N PHE D 178 -18.87 12.10 8.30
CA PHE D 178 -18.93 10.88 9.11
C PHE D 178 -20.21 10.10 8.83
N PRO D 179 -20.20 8.79 9.07
CA PRO D 179 -21.43 8.01 8.93
C PRO D 179 -22.46 8.42 9.96
N ALA D 180 -23.71 8.06 9.68
CA ALA D 180 -24.83 8.50 10.50
C ALA D 180 -25.03 7.60 11.71
N VAL D 181 -25.59 8.19 12.77
CA VAL D 181 -26.00 7.46 13.95
C VAL D 181 -27.50 7.17 13.82
N LEU D 182 -27.97 6.24 14.64
CA LEU D 182 -29.39 5.89 14.70
C LEU D 182 -29.86 6.13 16.12
N GLN D 183 -30.43 7.32 16.35
CA GLN D 183 -30.92 7.67 17.68
C GLN D 183 -32.07 6.75 18.08
N SER D 184 -32.39 6.76 19.38
CA SER D 184 -33.46 5.92 19.90
C SER D 184 -34.82 6.31 19.36
N SER D 185 -34.95 7.50 18.76
CA SER D 185 -36.22 7.93 18.17
C SER D 185 -36.42 7.42 16.74
N GLY D 186 -35.44 6.70 16.19
CA GLY D 186 -35.53 6.20 14.83
C GLY D 186 -35.02 7.12 13.75
N LEU D 187 -34.52 8.30 14.11
CA LEU D 187 -34.02 9.27 13.16
C LEU D 187 -32.50 9.21 13.07
N TYR D 188 -31.97 9.49 11.88
CA TYR D 188 -30.55 9.47 11.62
C TYR D 188 -29.96 10.87 11.76
N SER D 189 -28.65 10.91 12.02
CA SER D 189 -27.93 12.17 12.14
C SER D 189 -26.45 11.91 11.85
N LEU D 190 -25.83 12.80 11.07
CA LEU D 190 -24.41 12.72 10.76
C LEU D 190 -23.81 14.12 10.89
N SER D 191 -22.52 14.20 10.58
CA SER D 191 -21.79 15.46 10.63
C SER D 191 -20.80 15.52 9.47
N SER D 192 -20.43 16.74 9.11
CA SER D 192 -19.40 16.98 8.11
C SER D 192 -18.59 18.18 8.52
N VAL D 193 -17.27 18.06 8.54
CA VAL D 193 -16.37 19.11 9.00
C VAL D 193 -15.29 19.32 7.95
N VAL D 194 -14.90 20.58 7.77
CA VAL D 194 -13.84 20.95 6.83
C VAL D 194 -12.83 21.84 7.55
N THR D 195 -11.60 21.80 7.09
CA THR D 195 -10.51 22.60 7.65
C THR D 195 -10.12 23.68 6.64
N VAL D 196 -10.24 24.93 7.05
CA VAL D 196 -9.97 26.07 6.17
C VAL D 196 -8.94 26.96 6.84
N PRO D 197 -8.24 27.79 6.05
CA PRO D 197 -7.29 28.73 6.65
C PRO D 197 -7.99 29.71 7.58
N SER D 198 -7.24 30.16 8.59
CA SER D 198 -7.79 31.11 9.56
C SER D 198 -8.01 32.48 8.94
N SER D 199 -7.05 32.94 8.12
CA SER D 199 -7.19 34.24 7.48
C SER D 199 -8.30 34.27 6.44
N SER D 200 -8.67 33.11 5.89
CA SER D 200 -9.75 33.05 4.91
C SER D 200 -11.11 33.29 5.54
N LEU D 201 -11.21 33.20 6.87
CA LEU D 201 -12.46 33.48 7.55
C LEU D 201 -12.79 34.96 7.44
N GLY D 202 -14.05 35.27 7.12
CA GLY D 202 -14.50 36.62 6.91
C GLY D 202 -14.43 37.09 5.47
N THR D 203 -13.48 36.57 4.70
CA THR D 203 -13.34 36.92 3.29
C THR D 203 -13.75 35.80 2.34
N GLN D 204 -13.93 34.58 2.85
CA GLN D 204 -14.32 33.44 2.04
C GLN D 204 -15.60 32.84 2.61
N THR D 205 -16.63 32.74 1.77
CA THR D 205 -17.90 32.19 2.19
C THR D 205 -17.84 30.67 2.21
N TYR D 206 -18.26 30.07 3.31
CA TYR D 206 -18.27 28.62 3.47
C TYR D 206 -19.70 28.16 3.71
N ILE D 207 -20.24 27.42 2.75
CA ILE D 207 -21.62 26.94 2.79
C ILE D 207 -21.63 25.45 2.51
N CYS D 208 -22.32 24.68 3.36
CA CYS D 208 -22.48 23.25 3.16
C CYS D 208 -23.79 22.98 2.43
N ASN D 209 -23.74 22.08 1.47
CA ASN D 209 -24.90 21.74 0.64
C ASN D 209 -25.43 20.39 1.09
N VAL D 210 -26.52 20.41 1.86
CA VAL D 210 -27.17 19.21 2.35
C VAL D 210 -28.35 18.89 1.44
N ASN D 211 -28.41 17.65 0.97
CA ASN D 211 -29.46 17.20 0.06
C ASN D 211 -30.08 15.92 0.59
N HIS D 212 -31.39 15.93 0.77
CA HIS D 212 -32.15 14.76 1.22
C HIS D 212 -33.23 14.49 0.16
N LYS D 213 -32.97 13.52 -0.71
CA LYS D 213 -33.87 13.20 -1.81
C LYS D 213 -35.20 12.59 -1.35
N PRO D 214 -35.22 11.67 -0.38
CA PRO D 214 -36.52 11.13 0.08
C PRO D 214 -37.47 12.19 0.61
N SER D 215 -36.98 13.34 1.07
CA SER D 215 -37.83 14.41 1.56
C SER D 215 -37.89 15.61 0.61
N ASN D 216 -37.15 15.56 -0.50
CA ASN D 216 -37.09 16.67 -1.46
C ASN D 216 -36.66 17.97 -0.77
N THR D 217 -35.71 17.84 0.16
CA THR D 217 -35.23 18.97 0.94
C THR D 217 -33.77 19.23 0.62
N LYS D 218 -33.44 20.47 0.28
CA LYS D 218 -32.08 20.91 0.05
C LYS D 218 -31.79 22.12 0.93
N VAL D 219 -30.68 22.07 1.66
CA VAL D 219 -30.29 23.12 2.58
C VAL D 219 -28.87 23.56 2.25
N ASP D 220 -28.70 24.86 2.02
CA ASP D 220 -27.37 25.46 1.82
C ASP D 220 -27.08 26.32 3.04
N LYS D 221 -26.53 25.69 4.08
CA LYS D 221 -26.32 26.36 5.34
C LYS D 221 -25.01 27.13 5.33
N LYS D 222 -25.09 28.41 5.69
CA LYS D 222 -23.91 29.27 5.76
C LYS D 222 -23.25 29.13 7.13
N VAL D 223 -21.93 29.04 7.12
CA VAL D 223 -21.15 28.87 8.34
C VAL D 223 -20.18 30.05 8.44
N GLU D 224 -20.43 30.94 9.39
CA GLU D 224 -19.58 32.09 9.67
C GLU D 224 -18.92 31.94 11.04
N PRO D 225 -17.76 32.56 11.26
CA PRO D 225 -17.12 32.47 12.57
C PRO D 225 -17.99 33.08 13.66
N LYS D 226 -18.04 32.41 14.81
CA LYS D 226 -18.91 32.84 15.90
C LYS D 226 -18.39 34.12 16.53
N SER D 227 -19.32 34.92 17.07
CA SER D 227 -18.99 36.14 17.79
C SER D 227 -19.85 36.23 19.03
N CYS D 228 -19.35 36.93 20.05
CA CYS D 228 -20.08 37.10 21.29
C CYS D 228 -19.97 38.54 21.81
N SER E 1 -30.02 -25.10 18.08
CA SER E 1 -29.22 -24.75 19.25
C SER E 1 -27.74 -25.03 18.99
N TYR E 2 -27.41 -25.41 17.76
CA TYR E 2 -26.04 -25.71 17.39
C TYR E 2 -25.26 -24.41 17.20
N GLU E 3 -24.07 -24.34 17.80
CA GLU E 3 -23.26 -23.13 17.79
C GLU E 3 -21.86 -23.43 17.29
N LEU E 4 -21.22 -22.42 16.72
CA LEU E 4 -19.82 -22.47 16.31
C LEU E 4 -19.12 -21.28 16.95
N THR E 5 -18.23 -21.55 17.91
CA THR E 5 -17.58 -20.50 18.67
C THR E 5 -16.27 -20.09 17.99
N GLN E 6 -16.06 -18.78 17.89
CA GLN E 6 -14.85 -18.21 17.33
C GLN E 6 -14.25 -17.20 18.30
N PRO E 7 -12.94 -17.01 18.28
CA PRO E 7 -12.33 -15.93 19.06
C PRO E 7 -12.81 -14.58 18.53
N PRO E 8 -13.12 -13.63 19.42
CA PRO E 8 -13.67 -12.35 18.95
C PRO E 8 -12.66 -11.48 18.24
N SER E 9 -11.37 -11.58 18.58
CA SER E 9 -10.37 -10.70 17.99
C SER E 9 -9.01 -11.39 17.99
N VAL E 10 -8.28 -11.23 16.88
CA VAL E 10 -6.88 -11.63 16.78
C VAL E 10 -6.13 -10.51 16.08
N SER E 11 -4.94 -10.20 16.59
CA SER E 11 -4.12 -9.12 16.05
C SER E 11 -2.82 -9.70 15.53
N VAL E 12 -2.49 -9.36 14.28
CA VAL E 12 -1.29 -9.86 13.63
C VAL E 12 -0.51 -8.68 13.05
N SER E 13 0.80 -8.84 12.98
CA SER E 13 1.67 -7.87 12.34
C SER E 13 2.00 -8.34 10.93
N PRO E 14 2.18 -7.41 9.97
CA PRO E 14 2.46 -7.82 8.58
C PRO E 14 3.72 -8.67 8.50
N GLY E 15 3.55 -9.89 7.98
CA GLY E 15 4.61 -10.87 7.89
C GLY E 15 4.40 -12.07 8.80
N GLN E 16 3.75 -11.86 9.94
CA GLN E 16 3.50 -12.93 10.89
C GLN E 16 2.38 -13.84 10.39
N THR E 17 2.19 -14.95 11.11
CA THR E 17 1.17 -15.94 10.78
C THR E 17 -0.01 -15.77 11.74
N ALA E 18 -1.20 -15.56 11.19
CA ALA E 18 -2.41 -15.42 11.98
C ALA E 18 -3.18 -16.74 11.97
N ARG E 19 -3.82 -17.06 13.09
CA ARG E 19 -4.59 -18.29 13.24
C ARG E 19 -5.95 -17.96 13.83
N ILE E 20 -7.01 -18.45 13.17
CA ILE E 20 -8.38 -18.28 13.62
C ILE E 20 -9.00 -19.67 13.75
N THR E 21 -9.56 -19.95 14.92
CA THR E 21 -10.09 -21.27 15.23
C THR E 21 -11.62 -21.24 15.24
N CYS E 22 -12.22 -22.40 14.97
CA CYS E 22 -13.66 -22.57 15.02
C CYS E 22 -13.95 -23.93 15.64
N SER E 23 -14.65 -23.94 16.77
CA SER E 23 -14.93 -25.15 17.52
C SER E 23 -16.41 -25.51 17.38
N GLY E 24 -16.68 -26.79 17.11
CA GLY E 24 -18.03 -27.27 16.96
C GLY E 24 -18.11 -28.77 17.18
N ASP E 25 -19.20 -29.23 17.78
CA ASP E 25 -19.31 -30.65 18.12
C ASP E 25 -19.47 -31.52 16.88
N GLU E 26 -20.10 -31.01 15.83
CA GLU E 26 -20.31 -31.77 14.61
C GLU E 26 -19.18 -31.60 13.59
N LEU E 27 -18.12 -30.89 13.97
CA LEU E 27 -16.99 -30.73 13.06
C LEU E 27 -16.27 -32.04 12.71
N PRO E 28 -16.06 -32.99 13.63
CA PRO E 28 -15.38 -34.24 13.22
C PRO E 28 -16.13 -35.07 12.19
N LYS E 29 -17.36 -34.69 11.84
CA LYS E 29 -18.12 -35.38 10.80
C LYS E 29 -18.67 -34.48 9.72
N LYS E 30 -18.56 -33.16 9.86
CA LYS E 30 -19.03 -32.22 8.85
C LYS E 30 -17.90 -31.27 8.47
N TYR E 31 -17.87 -30.89 7.20
CA TYR E 31 -16.83 -30.00 6.71
C TYR E 31 -17.03 -28.59 7.25
N ALA E 32 -15.97 -27.78 7.15
CA ALA E 32 -15.99 -26.40 7.58
C ALA E 32 -15.72 -25.48 6.40
N TYR E 33 -16.31 -24.29 6.44
CA TYR E 33 -16.18 -23.31 5.38
C TYR E 33 -15.85 -21.95 5.98
N TRP E 34 -14.93 -21.24 5.34
CA TRP E 34 -14.45 -19.95 5.83
C TRP E 34 -14.80 -18.84 4.84
N TYR E 35 -15.21 -17.69 5.38
CA TYR E 35 -15.57 -16.53 4.57
C TYR E 35 -14.78 -15.32 5.05
N GLN E 36 -14.25 -14.57 4.08
CA GLN E 36 -13.57 -13.31 4.35
C GLN E 36 -14.48 -12.16 3.96
N GLU E 37 -14.81 -11.30 4.91
CA GLU E 37 -15.69 -10.17 4.66
C GLU E 37 -15.05 -8.90 5.18
N LYS E 38 -14.93 -7.90 4.30
CA LYS E 38 -14.42 -6.59 4.67
C LYS E 38 -15.58 -5.63 4.89
N SER E 39 -15.26 -4.45 5.42
CA SER E 39 -16.27 -3.45 5.73
C SER E 39 -16.94 -2.96 4.46
N GLY E 40 -18.25 -3.15 4.36
CA GLY E 40 -19.01 -2.73 3.21
C GLY E 40 -19.08 -3.73 2.07
N GLN E 41 -18.29 -4.79 2.10
CA GLN E 41 -18.28 -5.80 1.05
C GLN E 41 -19.06 -7.04 1.49
N ALA E 42 -19.42 -7.86 0.51
CA ALA E 42 -20.09 -9.12 0.75
C ALA E 42 -19.08 -10.20 1.10
N PRO E 43 -19.49 -11.23 1.84
CA PRO E 43 -18.55 -12.31 2.19
C PRO E 43 -18.04 -13.02 0.96
N VAL E 44 -16.79 -13.46 1.05
CA VAL E 44 -16.12 -14.18 -0.03
C VAL E 44 -15.59 -15.49 0.52
N LEU E 45 -15.93 -16.60 -0.13
CA LEU E 45 -15.48 -17.91 0.30
C LEU E 45 -13.98 -18.07 0.03
N ILE E 46 -13.22 -18.34 1.08
CA ILE E 46 -11.77 -18.51 0.96
C ILE E 46 -11.33 -19.95 1.17
N ILE E 47 -12.08 -20.76 1.89
CA ILE E 47 -11.76 -22.16 2.13
C ILE E 47 -13.05 -22.96 2.15
N TYR E 48 -13.11 -24.01 1.34
CA TYR E 48 -14.25 -24.92 1.34
C TYR E 48 -13.77 -26.34 1.58
N GLU E 49 -14.61 -27.13 2.25
CA GLU E 49 -14.30 -28.51 2.62
C GLU E 49 -12.99 -28.59 3.43
N ASP E 50 -13.02 -27.90 4.58
CA ASP E 50 -11.94 -27.93 5.57
C ASP E 50 -10.62 -27.37 5.05
N SER E 51 -10.09 -27.93 3.96
CA SER E 51 -8.74 -27.58 3.51
C SER E 51 -8.64 -27.18 2.04
N LYS E 52 -9.69 -27.33 1.24
CA LYS E 52 -9.60 -27.02 -0.17
C LYS E 52 -9.80 -25.53 -0.41
N ARG E 53 -9.02 -24.99 -1.34
CA ARG E 53 -8.98 -23.56 -1.59
C ARG E 53 -9.56 -23.25 -2.96
N PRO E 54 -10.57 -22.39 -3.08
CA PRO E 54 -11.09 -22.04 -4.40
C PRO E 54 -10.05 -21.32 -5.24
N SER E 55 -10.16 -21.49 -6.55
CA SER E 55 -9.21 -20.87 -7.47
C SER E 55 -9.34 -19.35 -7.41
N GLY E 56 -8.21 -18.67 -7.24
CA GLY E 56 -8.16 -17.23 -7.12
C GLY E 56 -7.84 -16.74 -5.73
N ILE E 57 -7.79 -17.63 -4.74
CA ILE E 57 -7.46 -17.25 -3.37
C ILE E 57 -5.95 -17.46 -3.17
N PRO E 58 -5.24 -16.50 -2.58
CA PRO E 58 -3.79 -16.66 -2.39
C PRO E 58 -3.47 -17.89 -1.55
N GLU E 59 -2.31 -18.48 -1.82
CA GLU E 59 -1.89 -19.69 -1.14
C GLU E 59 -1.57 -19.47 0.34
N ARG E 60 -1.43 -18.22 0.77
CA ARG E 60 -1.17 -17.96 2.18
C ARG E 60 -2.38 -18.24 3.06
N PHE E 61 -3.53 -18.55 2.49
CA PHE E 61 -4.68 -19.02 3.24
C PHE E 61 -4.70 -20.54 3.25
N SER E 62 -4.82 -21.11 4.44
CA SER E 62 -4.88 -22.56 4.58
C SER E 62 -5.86 -22.91 5.70
N GLY E 63 -6.37 -24.13 5.63
CA GLY E 63 -7.33 -24.59 6.62
C GLY E 63 -7.15 -26.07 6.90
N SER E 64 -7.55 -26.48 8.10
CA SER E 64 -7.50 -27.88 8.50
C SER E 64 -8.49 -28.07 9.65
N SER E 65 -8.90 -29.33 9.83
CA SER E 65 -9.86 -29.68 10.86
C SER E 65 -9.39 -30.93 11.58
N SER E 66 -9.49 -30.90 12.91
CA SER E 66 -9.10 -32.04 13.74
C SER E 66 -9.94 -32.03 15.01
N GLY E 67 -10.54 -33.17 15.32
CA GLY E 67 -11.42 -33.24 16.48
C GLY E 67 -12.62 -32.32 16.31
N THR E 68 -12.94 -31.60 17.37
CA THR E 68 -14.05 -30.64 17.37
C THR E 68 -13.57 -29.22 17.17
N MET E 69 -12.61 -29.01 16.28
CA MET E 69 -12.08 -27.67 16.05
C MET E 69 -11.43 -27.60 14.67
N ALA E 70 -11.80 -26.59 13.89
CA ALA E 70 -11.17 -26.29 12.62
C ALA E 70 -10.43 -24.97 12.72
N THR E 71 -9.25 -24.89 12.09
CA THR E 71 -8.38 -23.73 12.20
C THR E 71 -8.12 -23.14 10.83
N LEU E 72 -8.33 -21.83 10.72
CA LEU E 72 -7.96 -21.06 9.53
C LEU E 72 -6.61 -20.39 9.79
N THR E 73 -5.65 -20.66 8.91
CA THR E 73 -4.28 -20.15 9.08
C THR E 73 -3.95 -19.19 7.94
N ILE E 74 -3.49 -17.99 8.28
CA ILE E 74 -3.07 -17.01 7.29
C ILE E 74 -1.60 -16.68 7.51
N SER E 75 -0.71 -17.49 6.95
CA SER E 75 0.72 -17.26 7.12
C SER E 75 1.18 -16.08 6.28
N GLY E 76 2.03 -15.24 6.87
CA GLY E 76 2.50 -14.04 6.19
C GLY E 76 1.36 -13.12 5.83
N ALA E 77 0.51 -12.79 6.80
CA ALA E 77 -0.66 -11.98 6.53
C ALA E 77 -0.27 -10.58 6.08
N GLN E 78 -0.91 -10.09 5.03
CA GLN E 78 -0.68 -8.75 4.52
C GLN E 78 -1.77 -7.81 5.02
N VAL E 79 -1.64 -6.52 4.66
CA VAL E 79 -2.60 -5.54 5.13
C VAL E 79 -3.97 -5.73 4.47
N GLU E 80 -3.99 -6.31 3.27
CA GLU E 80 -5.27 -6.59 2.62
C GLU E 80 -5.96 -7.83 3.18
N ASP E 81 -5.26 -8.63 3.99
CA ASP E 81 -5.89 -9.77 4.63
C ASP E 81 -6.69 -9.37 5.87
N GLU E 82 -6.64 -8.10 6.28
CA GLU E 82 -7.42 -7.64 7.41
C GLU E 82 -8.90 -7.59 7.04
N ALA E 83 -9.70 -8.40 7.71
CA ALA E 83 -11.14 -8.48 7.46
C ALA E 83 -11.78 -9.28 8.59
N ASP E 84 -13.09 -9.40 8.53
CA ASP E 84 -13.85 -10.25 9.46
C ASP E 84 -13.97 -11.63 8.84
N TYR E 85 -13.52 -12.65 9.57
CA TYR E 85 -13.55 -14.03 9.11
C TYR E 85 -14.60 -14.80 9.89
N TYR E 86 -15.41 -15.57 9.16
CA TYR E 86 -16.54 -16.29 9.73
C TYR E 86 -16.41 -17.79 9.48
N CYS E 87 -16.89 -18.57 10.43
CA CYS E 87 -16.97 -20.02 10.30
C CYS E 87 -18.33 -20.40 9.72
N PHE E 88 -18.36 -21.53 9.02
CA PHE E 88 -19.58 -21.97 8.37
C PHE E 88 -19.59 -23.48 8.27
N SER E 89 -20.60 -24.11 8.85
CA SER E 89 -20.74 -25.57 8.83
C SER E 89 -22.21 -25.91 9.07
N THR E 90 -22.51 -27.19 9.05
CA THR E 90 -23.87 -27.69 9.25
C THR E 90 -23.95 -28.48 10.55
N ASP E 91 -25.18 -28.72 11.00
CA ASP E 91 -25.41 -29.42 12.25
C ASP E 91 -25.43 -30.93 11.99
N SER E 92 -25.86 -31.69 13.01
CA SER E 92 -25.85 -33.15 12.88
C SER E 92 -26.85 -33.63 11.84
N SER E 93 -27.96 -32.92 11.65
CA SER E 93 -28.96 -33.34 10.69
C SER E 93 -28.50 -33.14 9.25
N GLY E 94 -27.48 -32.31 9.02
CA GLY E 94 -27.02 -32.02 7.68
C GLY E 94 -27.90 -31.10 6.88
N ASP E 95 -28.98 -30.55 7.48
CA ASP E 95 -29.88 -29.65 6.79
C ASP E 95 -29.92 -28.26 7.42
N LEU E 96 -29.22 -28.05 8.54
CA LEU E 96 -29.22 -26.77 9.25
C LEU E 96 -27.81 -26.20 9.24
N TRP E 97 -27.63 -25.06 8.59
CA TRP E 97 -26.36 -24.35 8.60
C TRP E 97 -26.36 -23.28 9.68
N VAL E 98 -25.15 -22.82 10.02
CA VAL E 98 -25.00 -21.76 11.01
C VAL E 98 -23.61 -21.15 10.84
N PHE E 99 -23.54 -19.83 10.96
CA PHE E 99 -22.28 -19.12 10.91
C PHE E 99 -21.69 -19.01 12.32
N GLY E 100 -20.40 -18.68 12.38
CA GLY E 100 -19.74 -18.42 13.63
C GLY E 100 -19.90 -16.99 14.08
N GLY E 101 -19.34 -16.69 15.25
CA GLY E 101 -19.43 -15.34 15.79
C GLY E 101 -18.60 -14.32 15.05
N GLY E 102 -17.66 -14.77 14.23
CA GLY E 102 -16.80 -13.84 13.51
C GLY E 102 -15.59 -13.44 14.31
N THR E 103 -14.48 -13.24 13.59
CA THR E 103 -13.21 -12.88 14.19
C THR E 103 -12.65 -11.66 13.47
N LYS E 104 -12.29 -10.63 14.25
CA LYS E 104 -11.71 -9.41 13.70
C LYS E 104 -10.20 -9.58 13.64
N LEU E 105 -9.68 -9.80 12.45
CA LEU E 105 -8.24 -9.94 12.24
C LEU E 105 -7.67 -8.55 11.91
N THR E 106 -6.86 -8.02 12.82
CA THR E 106 -6.26 -6.71 12.67
C THR E 106 -4.82 -6.86 12.21
N VAL E 107 -4.45 -6.16 11.14
CA VAL E 107 -3.09 -6.12 10.63
C VAL E 107 -2.53 -4.73 10.92
N LEU E 108 -1.44 -4.68 11.69
CA LEU E 108 -0.86 -3.41 12.14
C LEU E 108 0.13 -2.93 11.08
N GLY E 109 -0.41 -2.36 10.01
CA GLY E 109 0.41 -1.84 8.94
C GLY E 109 1.18 -0.60 9.31
N GLN E 110 0.54 0.56 9.20
CA GLN E 110 1.19 1.83 9.50
C GLN E 110 1.42 1.96 11.01
N PRO E 111 2.39 2.79 11.42
CA PRO E 111 2.62 2.99 12.86
C PRO E 111 1.49 3.74 13.55
N LYS E 112 1.67 4.06 14.82
CA LYS E 112 0.62 4.66 15.62
C LYS E 112 0.33 6.09 15.17
N ALA E 113 -0.94 6.46 15.25
CA ALA E 113 -1.41 7.79 14.85
C ALA E 113 -2.22 8.39 15.99
N ALA E 114 -1.92 9.64 16.33
CA ALA E 114 -2.62 10.32 17.42
C ALA E 114 -3.92 10.94 16.89
N PRO E 115 -5.03 10.78 17.61
CA PRO E 115 -6.31 11.29 17.12
C PRO E 115 -6.39 12.82 17.19
N SER E 116 -7.10 13.38 16.22
CA SER E 116 -7.40 14.81 16.19
C SER E 116 -8.85 14.99 16.61
N VAL E 117 -9.08 15.58 17.78
CA VAL E 117 -10.40 15.68 18.37
C VAL E 117 -10.92 17.10 18.19
N THR E 118 -12.21 17.22 17.89
CA THR E 118 -12.85 18.52 17.68
C THR E 118 -14.22 18.49 18.32
N LEU E 119 -14.52 19.51 19.13
CA LEU E 119 -15.77 19.58 19.88
C LEU E 119 -16.45 20.91 19.62
N PHE E 120 -17.73 20.86 19.21
CA PHE E 120 -18.51 22.07 19.00
C PHE E 120 -19.64 22.17 20.01
N PRO E 121 -19.90 23.36 20.54
CA PRO E 121 -21.05 23.55 21.43
C PRO E 121 -22.33 23.62 20.62
N PRO E 122 -23.49 23.55 21.27
CA PRO E 122 -24.76 23.67 20.53
C PRO E 122 -24.89 25.06 19.91
N SER E 123 -25.29 25.09 18.65
CA SER E 123 -25.48 26.36 17.96
C SER E 123 -26.73 27.07 18.48
N SER E 124 -26.79 28.37 18.23
CA SER E 124 -27.94 29.16 18.69
C SER E 124 -29.23 28.71 18.02
N GLU E 125 -29.15 28.27 16.77
CA GLU E 125 -30.36 27.83 16.06
C GLU E 125 -30.91 26.54 16.64
N GLU E 126 -30.05 25.69 17.20
CA GLU E 126 -30.55 24.46 17.82
C GLU E 126 -31.16 24.74 19.19
N LEU E 127 -30.49 25.58 19.99
CA LEU E 127 -31.06 25.99 21.27
C LEU E 127 -32.37 26.73 21.07
N GLN E 128 -32.49 27.47 19.97
CA GLN E 128 -33.75 28.13 19.65
C GLN E 128 -34.83 27.13 19.24
N ALA E 129 -34.42 25.96 18.74
CA ALA E 129 -35.35 24.88 18.41
C ALA E 129 -35.57 23.93 19.57
N ASN E 130 -35.30 24.37 20.80
CA ASN E 130 -35.53 23.60 22.02
C ASN E 130 -34.72 22.31 22.05
N LYS E 131 -33.57 22.30 21.37
CA LYS E 131 -32.70 21.13 21.34
C LYS E 131 -31.27 21.57 21.64
N ALA E 132 -30.41 20.59 21.90
CA ALA E 132 -29.01 20.85 22.21
C ALA E 132 -28.21 19.59 21.95
N THR E 133 -27.25 19.65 21.03
CA THR E 133 -26.43 18.51 20.66
C THR E 133 -24.97 18.91 20.71
N LEU E 134 -24.16 18.11 21.42
CA LEU E 134 -22.72 18.27 21.44
C LEU E 134 -22.09 17.27 20.48
N VAL E 135 -21.28 17.76 19.56
CA VAL E 135 -20.65 16.93 18.54
C VAL E 135 -19.16 16.83 18.83
N CYS E 136 -18.67 15.60 18.96
CA CYS E 136 -17.27 15.31 19.22
C CYS E 136 -16.73 14.55 18.01
N LEU E 137 -15.86 15.18 17.23
CA LEU E 137 -15.36 14.64 15.99
C LEU E 137 -13.91 14.21 16.15
N ILE E 138 -13.63 12.94 15.82
CA ILE E 138 -12.31 12.36 15.95
C ILE E 138 -11.84 11.88 14.59
N SER E 139 -10.55 12.03 14.30
CA SER E 139 -10.02 11.62 13.02
C SER E 139 -8.51 11.44 13.11
N ASP E 140 -7.96 10.78 12.09
CA ASP E 140 -6.51 10.64 11.90
C ASP E 140 -5.85 9.89 13.04
N PHE E 141 -6.46 8.79 13.47
CA PHE E 141 -5.87 7.91 14.48
C PHE E 141 -5.75 6.49 13.95
N TYR E 142 -4.76 5.77 14.46
CA TYR E 142 -4.50 4.40 14.07
C TYR E 142 -3.83 3.70 15.24
N PRO E 143 -4.23 2.46 15.57
CA PRO E 143 -5.27 1.64 14.91
C PRO E 143 -6.69 2.17 15.13
N GLY E 144 -7.66 1.54 14.47
CA GLY E 144 -9.03 1.99 14.51
C GLY E 144 -9.80 1.56 15.73
N ALA E 145 -9.12 1.49 16.88
CA ALA E 145 -9.75 1.17 18.16
C ALA E 145 -9.70 2.42 19.04
N VAL E 146 -10.85 2.78 19.62
CA VAL E 146 -10.96 3.98 20.43
C VAL E 146 -12.18 3.84 21.33
N THR E 147 -12.16 4.55 22.46
CA THR E 147 -13.28 4.60 23.39
C THR E 147 -13.58 6.06 23.69
N VAL E 148 -14.84 6.45 23.52
CA VAL E 148 -15.28 7.83 23.73
C VAL E 148 -16.14 7.87 24.99
N ALA E 149 -15.89 8.89 25.81
CA ALA E 149 -16.67 9.10 27.03
C ALA E 149 -17.00 10.58 27.16
N TRP E 150 -18.17 10.86 27.70
CA TRP E 150 -18.64 12.23 27.91
C TRP E 150 -18.65 12.55 29.41
N LYS E 151 -18.56 13.84 29.71
CA LYS E 151 -18.51 14.31 31.09
C LYS E 151 -19.37 15.55 31.24
N ALA E 152 -20.33 15.51 32.16
CA ALA E 152 -21.03 16.69 32.62
C ALA E 152 -20.27 17.24 33.82
N ASP E 153 -19.79 18.48 33.71
CA ASP E 153 -18.86 19.06 34.68
C ASP E 153 -17.63 18.18 34.80
N SER E 154 -17.55 17.39 35.88
CA SER E 154 -16.43 16.48 36.08
C SER E 154 -16.85 15.02 36.21
N SER E 155 -18.16 14.73 36.14
CA SER E 155 -18.64 13.36 36.31
C SER E 155 -19.00 12.74 34.96
N PRO E 156 -18.77 11.44 34.81
CA PRO E 156 -19.09 10.79 33.53
C PRO E 156 -20.58 10.66 33.33
N VAL E 157 -20.99 10.75 32.06
CA VAL E 157 -22.40 10.65 31.68
C VAL E 157 -22.51 9.77 30.45
N LYS E 158 -23.44 8.81 30.49
CA LYS E 158 -23.67 7.90 29.38
C LYS E 158 -25.04 8.05 28.73
N ALA E 159 -25.98 8.70 29.40
CA ALA E 159 -27.32 8.82 28.85
C ALA E 159 -27.35 9.78 27.67
N GLY E 160 -28.07 9.40 26.62
CA GLY E 160 -28.19 10.24 25.44
C GLY E 160 -26.91 10.36 24.63
N VAL E 161 -26.11 9.30 24.57
CA VAL E 161 -24.85 9.30 23.86
C VAL E 161 -24.96 8.33 22.69
N GLU E 162 -24.61 8.80 21.50
CA GLU E 162 -24.53 7.96 20.31
C GLU E 162 -23.16 8.16 19.67
N THR E 163 -22.48 7.05 19.38
CA THR E 163 -21.12 7.08 18.87
C THR E 163 -21.00 6.12 17.69
N THR E 164 -20.38 6.60 16.61
CA THR E 164 -20.17 5.77 15.43
C THR E 164 -18.95 4.87 15.60
N THR E 165 -18.98 3.74 14.92
CA THR E 165 -17.82 2.87 14.85
C THR E 165 -16.72 3.54 14.01
N PRO E 166 -15.47 3.48 14.44
CA PRO E 166 -14.38 4.08 13.65
C PRO E 166 -14.36 3.57 12.23
N SER E 167 -14.34 4.49 11.27
CA SER E 167 -14.36 4.18 9.85
C SER E 167 -13.06 4.66 9.20
N LYS E 168 -12.64 3.92 8.18
CA LYS E 168 -11.38 4.23 7.51
C LYS E 168 -11.53 5.48 6.64
N GLN E 169 -10.49 6.31 6.65
CA GLN E 169 -10.44 7.50 5.80
C GLN E 169 -9.75 7.15 4.49
N SER E 170 -9.52 8.16 3.64
CA SER E 170 -8.83 7.93 2.38
C SER E 170 -7.33 7.72 2.57
N ASN E 171 -6.77 8.14 3.70
CA ASN E 171 -5.37 7.95 4.00
C ASN E 171 -5.12 6.73 4.89
N ASN E 172 -6.03 5.75 4.84
CA ASN E 172 -5.94 4.51 5.60
C ASN E 172 -5.98 4.73 7.11
N LYS E 173 -6.19 5.97 7.53
CA LYS E 173 -6.40 6.27 8.93
C LYS E 173 -7.89 6.23 9.26
N TYR E 174 -8.19 6.26 10.56
CA TYR E 174 -9.56 6.08 11.04
C TYR E 174 -10.10 7.38 11.61
N ALA E 175 -11.42 7.53 11.52
CA ALA E 175 -12.14 8.66 12.08
C ALA E 175 -13.37 8.16 12.82
N ALA E 176 -13.84 8.95 13.78
CA ALA E 176 -15.01 8.59 14.57
C ALA E 176 -15.75 9.86 14.98
N SER E 177 -16.97 9.67 15.45
CA SER E 177 -17.79 10.79 15.87
C SER E 177 -18.70 10.34 17.02
N SER E 178 -18.99 11.28 17.92
CA SER E 178 -19.86 11.03 19.05
C SER E 178 -20.82 12.19 19.21
N TYR E 179 -21.98 11.90 19.79
CA TYR E 179 -23.03 12.90 19.98
C TYR E 179 -23.57 12.80 21.41
N LEU E 180 -23.89 13.96 21.99
CA LEU E 180 -24.48 14.04 23.32
C LEU E 180 -25.74 14.88 23.23
N SER E 181 -26.90 14.23 23.34
CA SER E 181 -28.18 14.93 23.30
C SER E 181 -28.51 15.48 24.68
N LEU E 182 -28.85 16.77 24.74
CA LEU E 182 -29.11 17.44 26.00
C LEU E 182 -30.31 18.37 25.86
N THR E 183 -30.90 18.70 26.99
CA THR E 183 -31.91 19.74 27.06
C THR E 183 -31.23 21.11 27.10
N PRO E 184 -31.75 22.10 26.36
CA PRO E 184 -31.14 23.44 26.39
C PRO E 184 -31.01 24.02 27.79
N GLU E 185 -31.81 23.52 28.74
CA GLU E 185 -31.65 23.91 30.13
C GLU E 185 -30.55 23.11 30.82
N GLN E 186 -30.38 21.83 30.46
CA GLN E 186 -29.28 21.06 31.00
C GLN E 186 -27.93 21.61 30.53
N TRP E 187 -27.86 22.06 29.27
CA TRP E 187 -26.62 22.62 28.76
C TRP E 187 -26.24 23.92 29.45
N LYS E 188 -27.23 24.72 29.87
CA LYS E 188 -26.94 26.00 30.47
C LYS E 188 -26.64 25.90 31.97
N SER E 189 -27.15 24.86 32.63
CA SER E 189 -27.02 24.77 34.08
C SER E 189 -25.59 24.40 34.49
N HIS E 190 -25.01 23.40 33.83
CA HIS E 190 -23.67 22.95 34.20
C HIS E 190 -22.63 24.00 33.81
N ARG E 191 -21.42 23.83 34.34
CA ARG E 191 -20.36 24.78 34.07
C ARG E 191 -19.62 24.46 32.77
N SER E 192 -19.59 23.20 32.37
CA SER E 192 -18.89 22.79 31.16
C SER E 192 -19.28 21.36 30.83
N TYR E 193 -18.94 20.95 29.60
CA TYR E 193 -19.07 19.59 29.13
C TYR E 193 -17.80 19.19 28.40
N SER E 194 -17.52 17.89 28.37
CA SER E 194 -16.29 17.40 27.77
C SER E 194 -16.50 16.00 27.20
N CYS E 195 -15.84 15.72 26.08
CA CYS E 195 -15.75 14.38 25.53
C CYS E 195 -14.31 13.90 25.65
N GLN E 196 -14.13 12.70 26.21
CA GLN E 196 -12.81 12.11 26.37
C GLN E 196 -12.59 11.05 25.30
N VAL E 197 -11.49 11.17 24.57
CA VAL E 197 -11.11 10.24 23.52
C VAL E 197 -9.87 9.50 24.00
N THR E 198 -10.01 8.20 24.24
CA THR E 198 -8.92 7.36 24.75
C THR E 198 -8.43 6.46 23.63
N HIS E 199 -7.17 6.67 23.22
CA HIS E 199 -6.56 5.93 22.12
C HIS E 199 -5.19 5.46 22.56
N GLU E 200 -5.01 4.14 22.66
CA GLU E 200 -3.72 3.52 23.00
C GLU E 200 -3.21 4.03 24.34
N GLY E 201 -4.09 4.07 25.33
CA GLY E 201 -3.73 4.52 26.67
C GLY E 201 -3.64 6.02 26.85
N SER E 202 -3.68 6.79 25.77
CA SER E 202 -3.65 8.24 25.84
C SER E 202 -5.06 8.81 25.76
N THR E 203 -5.31 9.89 26.50
CA THR E 203 -6.63 10.49 26.58
C THR E 203 -6.56 11.96 26.21
N VAL E 204 -7.40 12.38 25.27
CA VAL E 204 -7.54 13.77 24.86
C VAL E 204 -8.92 14.25 25.29
N GLU E 205 -8.98 15.44 25.88
CA GLU E 205 -10.22 15.98 26.41
C GLU E 205 -10.41 17.40 25.89
N LYS E 206 -11.49 17.62 25.14
CA LYS E 206 -11.92 18.95 24.75
C LYS E 206 -13.11 19.36 25.61
N THR E 207 -13.18 20.65 25.94
CA THR E 207 -14.17 21.17 26.86
C THR E 207 -14.83 22.41 26.28
N VAL E 208 -16.17 22.45 26.36
CA VAL E 208 -16.94 23.62 25.96
C VAL E 208 -17.79 24.07 27.14
N ALA E 209 -18.03 25.37 27.23
CA ALA E 209 -18.78 25.95 28.32
C ALA E 209 -19.99 26.72 27.79
N PRO E 210 -21.05 26.85 28.60
CA PRO E 210 -22.22 27.61 28.15
C PRO E 210 -21.91 29.06 27.82
N THR E 211 -20.94 29.66 28.51
CA THR E 211 -20.58 31.06 28.27
C THR E 211 -19.72 31.17 27.01
N LYS F 4 -14.53 -38.83 2.79
CA LYS F 4 -14.09 -38.40 4.11
C LYS F 4 -15.29 -38.02 4.97
N LYS F 5 -15.71 -36.76 4.88
CA LYS F 5 -16.87 -36.26 5.61
C LYS F 5 -18.07 -36.17 4.67
N GLY F 6 -19.22 -35.84 5.27
CA GLY F 6 -20.44 -35.73 4.50
C GLY F 6 -20.52 -34.45 3.69
N ILE F 7 -21.39 -34.47 2.69
CA ILE F 7 -21.60 -33.33 1.79
C ILE F 7 -23.08 -32.96 1.86
N ALA F 8 -23.35 -31.71 2.24
CA ALA F 8 -24.73 -31.22 2.35
C ALA F 8 -25.10 -30.52 1.05
N ILE F 9 -25.83 -31.23 0.18
CA ILE F 9 -26.23 -30.67 -1.10
C ILE F 9 -27.41 -29.70 -0.92
N GLY F 10 -28.52 -30.21 -0.39
CA GLY F 10 -29.69 -29.41 -0.17
C GLY F 10 -30.56 -29.96 0.94
N PRO F 11 -31.66 -29.27 1.26
CA PRO F 11 -32.59 -29.78 2.27
C PRO F 11 -33.19 -31.11 1.88
N GLY F 12 -32.68 -32.19 2.47
CA GLY F 12 -33.10 -33.53 2.15
C GLY F 12 -32.11 -34.30 1.28
N ARG F 13 -31.22 -33.59 0.60
CA ARG F 13 -30.21 -34.21 -0.27
C ARG F 13 -28.86 -34.10 0.41
N THR F 14 -28.27 -35.24 0.77
CA THR F 14 -26.99 -35.25 1.48
C THR F 14 -26.27 -36.56 1.17
N LEU F 15 -25.02 -36.44 0.72
CA LEU F 15 -24.18 -37.60 0.45
C LEU F 15 -23.34 -37.94 1.67
N TYR F 16 -22.93 -39.22 1.74
CA TYR F 16 -22.14 -39.73 2.85
C TYR F 16 -20.64 -39.79 2.57
N ALA F 17 -20.18 -40.39 1.47
CA ALA F 17 -20.98 -41.02 0.40
C ALA F 17 -21.07 -42.53 0.61
#